data_4UP4
#
_entry.id   4UP4
#
_cell.length_a   54.814
_cell.length_b   97.468
_cell.length_c   158.650
_cell.angle_alpha   90.00
_cell.angle_beta   90.00
_cell.angle_gamma   90.00
#
_symmetry.space_group_name_H-M   'P 21 21 21'
#
loop_
_entity.id
_entity.type
_entity.pdbx_description
1 polymer 'LECTIN PVL'
2 branched 2-acetamido-2-deoxy-beta-D-glucopyranose-(1-3)-beta-D-galactopyranose
3 non-polymer 'CALCIUM ION'
4 non-polymer 2-acetamido-2-deoxy-alpha-D-glucopyranose
5 non-polymer 2-acetamido-2-deoxy-beta-D-glucopyranose
6 water water
#
_entity_poly.entity_id   1
_entity_poly.type   'polypeptide(L)'
_entity_poly.pdbx_seq_one_letter_code
;SVVVISQALPVPTRIPGVADLVGFGNGGVYIIRNSLLIQVVKVINNFGYDAGGWRVEKHVRLLADTTGDNQPDVVGFGEN
GVWISTNNGNNTFVDPPKMVLANFAYAAGGWRVEKHIRFMADLRKTGRADIVGFGDGGIYISRNNGGGQFAPAQLALNNF
GYAQGWRLDRHLRFLADVTGDGLLDVVGFGENQVYIARNSGNGTFQPAQAVVNNFCIGAGGWTISAHPRVVADLTGDRKA
DILGFGVAGVYTSLNNGNGTFGAVNLVLKDFGVNSGWRVEKHVRCVSSLTNKKVGDIIGFGDAGVYVALNNGNGTFGPVK
RVIDNFGYNQGWRVDKHPRFVVDLTGDGCADIVGFGENSVWACMNKGDGTFGPIMQLIDDMTVSKGWTLQKTVRYAANLY
L
;
_entity_poly.pdbx_strand_id   A,B
#
# COMPACT_ATOMS: atom_id res chain seq x y z
N VAL A 2 -15.47 3.80 5.60
CA VAL A 2 -16.68 4.74 5.71
C VAL A 2 -16.41 5.96 4.87
N VAL A 3 -17.17 6.20 3.81
CA VAL A 3 -16.85 7.32 2.92
C VAL A 3 -17.79 8.51 3.15
N VAL A 4 -17.26 9.70 3.42
CA VAL A 4 -18.10 10.93 3.40
C VAL A 4 -17.42 11.88 2.41
N ILE A 5 -18.17 12.37 1.46
CA ILE A 5 -17.68 13.39 0.54
C ILE A 5 -18.29 14.74 0.91
N SER A 6 -17.42 15.71 1.11
CA SER A 6 -17.85 17.09 1.41
C SER A 6 -17.25 18.07 0.44
N GLN A 7 -17.81 19.26 0.43
CA GLN A 7 -17.26 20.37 -0.36
C GLN A 7 -15.81 20.66 0.03
N ALA A 8 -15.54 20.65 1.33
CA ALA A 8 -14.21 20.94 1.87
C ALA A 8 -13.20 19.82 1.59
N LEU A 9 -13.68 18.58 1.60
CA LEU A 9 -12.85 17.40 1.44
C LEU A 9 -13.53 16.49 0.42
N PRO A 10 -13.42 16.86 -0.86
CA PRO A 10 -14.03 16.04 -1.89
C PRO A 10 -13.30 14.74 -2.17
N VAL A 11 -12.10 14.60 -1.60
CA VAL A 11 -11.29 13.38 -1.80
C VAL A 11 -11.14 12.66 -0.43
N PRO A 12 -11.92 11.63 -0.17
CA PRO A 12 -11.85 10.98 1.12
C PRO A 12 -10.57 10.15 1.18
N THR A 13 -10.18 9.75 2.39
CA THR A 13 -8.94 9.02 2.66
C THR A 13 -9.29 7.85 3.60
N ARG A 14 -8.43 6.85 3.64
CA ARG A 14 -8.72 5.61 4.28
C ARG A 14 -8.22 5.58 5.70
N ILE A 15 -8.94 4.89 6.53
CA ILE A 15 -8.54 4.60 7.91
C ILE A 15 -8.65 3.10 8.09
N PRO A 16 -7.56 2.38 8.28
CA PRO A 16 -6.20 2.82 8.25
C PRO A 16 -5.70 3.07 6.82
N GLY A 17 -4.61 3.80 6.76
CA GLY A 17 -3.94 4.07 5.50
C GLY A 17 -2.60 4.76 5.70
N VAL A 18 -1.87 4.83 4.59
CA VAL A 18 -0.63 5.57 4.53
C VAL A 18 -0.77 6.53 3.37
N ALA A 19 -1.47 7.63 3.65
CA ALA A 19 -1.87 8.53 2.61
C ALA A 19 -0.71 9.22 1.95
N ASP A 20 -0.84 9.38 0.65
CA ASP A 20 0.11 10.11 -0.12
C ASP A 20 -0.24 11.57 -0.18
N LEU A 21 0.66 12.39 -0.71
CA LEU A 21 0.39 13.82 -0.99
C LEU A 21 0.42 14.01 -2.49
N VAL A 22 -0.55 14.78 -2.98
CA VAL A 22 -0.70 15.04 -4.37
C VAL A 22 -0.84 16.51 -4.59
N GLY A 23 -0.23 16.99 -5.65
CA GLY A 23 -0.26 18.40 -5.98
C GLY A 23 -0.42 18.67 -7.47
N PHE A 24 -1.40 19.51 -7.78
CA PHE A 24 -1.66 20.01 -9.11
C PHE A 24 -0.97 21.38 -9.17
N GLY A 25 0.31 21.38 -9.52
CA GLY A 25 1.14 22.60 -9.50
C GLY A 25 1.05 23.25 -10.86
N ASN A 26 1.80 24.31 -11.11
CA ASN A 26 1.82 24.97 -12.44
C ASN A 26 2.13 24.09 -13.60
N GLY A 27 3.06 23.16 -13.39
CA GLY A 27 3.62 22.34 -14.45
C GLY A 27 2.99 20.97 -14.62
N GLY A 28 2.02 20.61 -13.77
CA GLY A 28 1.31 19.35 -13.86
C GLY A 28 1.03 18.72 -12.50
N VAL A 29 0.97 17.40 -12.51
CA VAL A 29 0.62 16.65 -11.30
C VAL A 29 1.85 16.03 -10.72
N TYR A 30 2.03 16.22 -9.41
CA TYR A 30 3.23 15.80 -8.70
C TYR A 30 2.75 15.00 -7.47
N ILE A 31 3.51 13.98 -7.08
CA ILE A 31 3.18 13.22 -5.89
C ILE A 31 4.33 13.05 -4.94
N ILE A 32 3.98 12.91 -3.68
CA ILE A 32 4.90 12.47 -2.69
C ILE A 32 4.34 11.17 -2.16
N ARG A 33 4.94 10.07 -2.65
CA ARG A 33 4.57 8.75 -2.24
C ARG A 33 4.94 8.54 -0.76
N ASN A 34 3.99 8.06 0.01
CA ASN A 34 4.23 7.76 1.46
C ASN A 34 5.05 6.45 1.55
N SER A 35 6.31 6.59 1.88
CA SER A 35 7.27 5.50 1.76
C SER A 35 8.57 5.94 2.38
N LEU A 36 9.56 5.04 2.35
CA LEU A 36 10.82 5.28 2.93
C LEU A 36 11.64 6.29 2.15
N LEU A 37 11.34 6.51 0.90
CA LEU A 37 12.01 7.56 0.14
C LEU A 37 11.03 8.73 -0.08
N ILE A 38 11.26 9.88 0.57
CA ILE A 38 10.37 11.06 0.49
C ILE A 38 10.92 11.99 -0.59
N GLN A 39 10.22 12.13 -1.68
CA GLN A 39 10.66 12.95 -2.80
C GLN A 39 9.43 13.38 -3.57
N VAL A 40 9.58 14.41 -4.39
CA VAL A 40 8.52 14.81 -5.27
C VAL A 40 8.74 14.18 -6.63
N VAL A 41 7.72 13.51 -7.14
CA VAL A 41 7.79 12.94 -8.50
C VAL A 41 6.73 13.56 -9.40
N LYS A 42 7.12 14.03 -10.60
CA LYS A 42 6.10 14.54 -11.53
C LYS A 42 5.48 13.34 -12.25
N VAL A 43 4.16 13.24 -12.28
CA VAL A 43 3.51 12.10 -12.92
C VAL A 43 2.74 12.43 -14.18
N ILE A 44 2.18 13.62 -14.32
CA ILE A 44 1.48 13.97 -15.53
C ILE A 44 1.80 15.38 -15.95
N ASN A 45 2.05 15.56 -17.24
CA ASN A 45 2.30 16.90 -17.76
C ASN A 45 0.99 17.50 -18.25
N ASN A 46 0.05 17.61 -17.33
CA ASN A 46 -1.32 18.05 -17.58
C ASN A 46 -2.01 18.37 -16.23
N PHE A 47 -3.26 18.86 -16.27
CA PHE A 47 -4.04 19.27 -15.09
C PHE A 47 -3.36 20.37 -14.31
N GLY A 48 -2.57 21.17 -14.99
CA GLY A 48 -1.76 22.20 -14.35
C GLY A 48 -2.09 23.60 -14.87
N TYR A 49 -1.79 24.63 -14.11
CA TYR A 49 -2.00 25.99 -14.57
C TYR A 49 -1.34 26.19 -15.95
N ASP A 50 -0.05 25.83 -16.06
CA ASP A 50 0.69 25.98 -17.33
C ASP A 50 0.58 24.76 -18.20
N ALA A 51 0.19 23.64 -17.62
CA ALA A 51 0.14 22.41 -18.39
C ALA A 51 -1.30 22.05 -18.63
N GLY A 52 -1.87 22.66 -19.67
CA GLY A 52 -3.27 22.49 -19.92
C GLY A 52 -4.19 23.65 -19.63
N GLY A 53 -3.66 24.74 -19.08
CA GLY A 53 -4.52 25.89 -18.81
C GLY A 53 -5.60 25.70 -17.73
N TRP A 54 -5.26 24.90 -16.71
CA TRP A 54 -6.21 24.63 -15.63
C TRP A 54 -6.25 25.82 -14.65
N ARG A 55 -7.47 26.19 -14.28
CA ARG A 55 -7.77 27.33 -13.46
C ARG A 55 -8.69 26.93 -12.29
N VAL A 56 -8.33 27.35 -11.08
CA VAL A 56 -9.18 27.04 -9.87
C VAL A 56 -10.58 27.70 -10.00
N GLU A 57 -10.66 28.81 -10.73
CA GLU A 57 -11.95 29.50 -10.84
C GLU A 57 -12.83 28.94 -11.95
N LYS A 58 -12.35 27.97 -12.71
CA LYS A 58 -13.16 27.37 -13.77
C LYS A 58 -13.22 25.90 -13.82
N HIS A 59 -12.22 25.20 -13.25
CA HIS A 59 -12.07 23.76 -13.41
C HIS A 59 -11.96 23.07 -12.04
N VAL A 60 -12.22 21.77 -12.01
CA VAL A 60 -12.24 20.98 -10.76
C VAL A 60 -11.31 19.79 -10.96
N ARG A 61 -10.42 19.53 -9.99
CA ARG A 61 -9.40 18.50 -10.10
C ARG A 61 -9.49 17.62 -8.81
N LEU A 62 -9.72 16.31 -9.02
CA LEU A 62 -9.92 15.32 -7.94
C LEU A 62 -9.11 14.05 -8.24
N LEU A 63 -9.04 13.20 -7.23
CA LEU A 63 -8.53 11.87 -7.29
C LEU A 63 -9.71 10.95 -6.98
N ALA A 64 -9.94 9.97 -7.83
CA ALA A 64 -10.99 9.01 -7.57
C ALA A 64 -10.77 7.74 -8.38
N ASP A 65 -11.15 6.60 -7.82
CA ASP A 65 -11.10 5.30 -8.52
C ASP A 65 -12.15 5.13 -9.56
N THR A 66 -11.83 5.43 -10.80
CA THR A 66 -12.73 5.24 -11.86
C THR A 66 -12.65 3.87 -12.55
N THR A 67 -11.67 3.03 -12.19
CA THR A 67 -11.60 1.68 -12.82
C THR A 67 -12.03 0.51 -11.96
N GLY A 68 -12.01 0.66 -10.65
CA GLY A 68 -12.40 -0.41 -9.77
C GLY A 68 -11.25 -1.17 -9.14
N ASP A 69 -10.00 -0.75 -9.36
CA ASP A 69 -8.83 -1.45 -8.76
C ASP A 69 -8.29 -0.86 -7.46
N ASN A 70 -9.05 0.04 -6.85
CA ASN A 70 -8.64 0.75 -5.63
C ASN A 70 -7.37 1.56 -5.76
N GLN A 71 -7.03 1.97 -6.97
CA GLN A 71 -5.94 2.92 -7.13
C GLN A 71 -6.46 4.17 -7.83
N PRO A 72 -6.72 5.21 -7.05
CA PRO A 72 -7.37 6.37 -7.60
C PRO A 72 -6.65 6.97 -8.83
N ASP A 73 -7.50 7.42 -9.74
CA ASP A 73 -7.10 8.06 -10.97
C ASP A 73 -7.23 9.60 -10.87
N VAL A 74 -6.62 10.33 -11.80
CA VAL A 74 -6.71 11.79 -11.81
C VAL A 74 -7.88 12.13 -12.67
N VAL A 75 -8.78 12.95 -12.10
CA VAL A 75 -10.02 13.36 -12.76
C VAL A 75 -10.16 14.85 -12.74
N GLY A 76 -10.24 15.45 -13.93
CA GLY A 76 -10.40 16.88 -14.03
C GLY A 76 -11.59 17.24 -14.87
N PHE A 77 -12.44 18.07 -14.29
CA PHE A 77 -13.53 18.74 -14.96
C PHE A 77 -13.01 20.00 -15.62
N GLY A 78 -12.70 19.90 -16.89
CA GLY A 78 -11.98 20.95 -17.58
C GLY A 78 -12.87 21.89 -18.33
N GLU A 79 -12.37 22.40 -19.46
CA GLU A 79 -13.11 23.44 -20.21
C GLU A 79 -14.25 22.88 -21.03
N ASN A 80 -13.98 21.79 -21.77
CA ASN A 80 -14.96 21.18 -22.67
C ASN A 80 -15.35 19.76 -22.38
N GLY A 81 -14.97 19.27 -21.22
CA GLY A 81 -15.36 17.94 -20.82
C GLY A 81 -14.60 17.45 -19.63
N VAL A 82 -14.81 16.18 -19.34
CA VAL A 82 -14.17 15.53 -18.20
C VAL A 82 -12.98 14.73 -18.73
N TRP A 83 -11.82 14.98 -18.15
CA TRP A 83 -10.57 14.35 -18.54
C TRP A 83 -10.00 13.41 -17.45
N ILE A 84 -9.56 12.21 -17.84
CA ILE A 84 -8.99 11.24 -16.88
C ILE A 84 -7.63 10.66 -17.28
N SER A 85 -6.70 10.70 -16.34
CA SER A 85 -5.43 9.96 -16.42
C SER A 85 -5.49 8.84 -15.39
N THR A 86 -5.49 7.60 -15.85
CA THR A 86 -5.56 6.49 -14.91
C THR A 86 -4.22 6.19 -14.28
N ASN A 87 -4.32 5.63 -13.07
CA ASN A 87 -3.21 5.25 -12.20
C ASN A 87 -2.57 3.94 -12.66
N ASN A 88 -1.28 3.96 -13.01
CA ASN A 88 -0.64 2.75 -13.50
C ASN A 88 -0.17 1.80 -12.40
N GLY A 89 -0.31 2.18 -11.15
CA GLY A 89 0.05 1.30 -10.03
C GLY A 89 1.52 1.38 -9.62
N ASN A 90 2.33 2.13 -10.37
CA ASN A 90 3.75 2.16 -10.16
C ASN A 90 4.37 3.52 -10.11
N ASN A 91 3.65 4.50 -9.53
CA ASN A 91 4.07 5.89 -9.42
C ASN A 91 4.12 6.55 -10.82
N THR A 92 3.37 6.04 -11.78
CA THR A 92 3.14 6.71 -13.08
C THR A 92 1.60 6.71 -13.30
N PHE A 93 1.16 7.56 -14.21
CA PHE A 93 -0.22 7.75 -14.62
C PHE A 93 -0.20 7.94 -16.15
N VAL A 94 -1.31 7.59 -16.81
CA VAL A 94 -1.44 7.73 -18.24
C VAL A 94 -1.34 9.18 -18.58
N ASP A 95 -0.57 9.47 -19.62
CA ASP A 95 -0.34 10.81 -20.06
C ASP A 95 -0.23 10.72 -21.60
N PRO A 96 -1.09 11.42 -22.32
CA PRO A 96 -2.06 12.36 -21.84
C PRO A 96 -3.33 11.72 -21.27
N PRO A 97 -4.09 12.51 -20.55
CA PRO A 97 -5.41 12.07 -20.18
C PRO A 97 -6.36 11.92 -21.35
N LYS A 98 -7.44 11.18 -21.13
CA LYS A 98 -8.50 11.03 -22.16
C LYS A 98 -9.77 11.78 -21.76
N MET A 99 -10.44 12.32 -22.76
CA MET A 99 -11.72 13.02 -22.60
C MET A 99 -12.90 11.99 -22.65
N VAL A 100 -13.52 11.73 -21.51
CA VAL A 100 -14.49 10.68 -21.35
C VAL A 100 -15.93 11.14 -21.46
N LEU A 101 -16.17 12.44 -21.31
CA LEU A 101 -17.55 12.99 -21.35
C LEU A 101 -17.56 14.50 -21.59
N ALA A 102 -18.21 14.92 -22.66
CA ALA A 102 -18.34 16.35 -22.98
C ALA A 102 -19.51 16.98 -22.17
N ASN A 103 -19.37 16.98 -20.82
CA ASN A 103 -20.35 17.58 -19.93
C ASN A 103 -19.67 17.90 -18.58
N PHE A 104 -20.42 18.43 -17.64
CA PHE A 104 -19.91 18.78 -16.35
C PHE A 104 -18.72 19.77 -16.46
N ALA A 105 -18.72 20.57 -17.53
CA ALA A 105 -17.62 21.43 -17.85
C ALA A 105 -18.05 22.87 -18.10
N TYR A 106 -17.08 23.74 -18.01
CA TYR A 106 -17.37 25.19 -18.12
C TYR A 106 -18.08 25.57 -19.41
N ALA A 107 -17.66 24.98 -20.51
CA ALA A 107 -18.17 25.37 -21.82
C ALA A 107 -18.90 24.13 -22.40
N ALA A 108 -19.11 23.10 -21.56
CA ALA A 108 -19.98 21.99 -21.94
C ALA A 108 -20.92 21.66 -20.80
N GLY A 109 -22.12 22.25 -20.87
CA GLY A 109 -23.12 22.13 -19.81
C GLY A 109 -23.22 23.35 -18.91
N GLY A 110 -22.34 24.34 -19.12
CA GLY A 110 -22.34 25.60 -18.37
C GLY A 110 -22.07 25.50 -16.87
N TRP A 111 -21.17 24.62 -16.48
CA TRP A 111 -20.88 24.39 -15.05
C TRP A 111 -19.93 25.50 -14.55
N ARG A 112 -20.15 25.91 -13.33
CA ARG A 112 -19.50 27.07 -12.73
C ARG A 112 -19.10 26.77 -11.31
N VAL A 113 -17.83 27.02 -11.00
CA VAL A 113 -17.28 26.81 -9.64
C VAL A 113 -18.09 27.60 -8.58
N GLU A 114 -18.55 28.78 -8.95
CA GLU A 114 -19.26 29.62 -8.02
C GLU A 114 -20.72 29.20 -7.77
N LYS A 115 -21.27 28.27 -8.57
CA LYS A 115 -22.71 27.93 -8.56
C LYS A 115 -22.98 26.47 -8.31
N HIS A 116 -22.00 25.60 -8.63
CA HIS A 116 -22.26 24.15 -8.73
C HIS A 116 -21.19 23.35 -8.03
N ILE A 117 -21.47 22.08 -7.80
CA ILE A 117 -20.58 21.22 -7.09
C ILE A 117 -20.41 20.00 -7.91
N ARG A 118 -19.16 19.58 -8.07
CA ARG A 118 -18.88 18.36 -8.81
C ARG A 118 -18.04 17.45 -7.97
N PHE A 119 -18.56 16.22 -7.79
CA PHE A 119 -17.88 15.16 -7.10
C PHE A 119 -17.75 13.90 -7.97
N MET A 120 -16.85 12.99 -7.57
CA MET A 120 -16.78 11.62 -8.07
C MET A 120 -17.16 10.71 -6.87
N ALA A 121 -18.08 9.76 -7.06
CA ALA A 121 -18.49 8.87 -5.97
C ALA A 121 -19.02 7.57 -6.55
N ASP A 122 -18.77 6.47 -5.86
CA ASP A 122 -19.33 5.15 -6.18
C ASP A 122 -20.77 5.07 -5.67
N LEU A 123 -21.69 5.55 -6.45
CA LEU A 123 -23.10 5.68 -6.03
C LEU A 123 -23.95 4.40 -6.21
N ARG A 124 -23.41 3.38 -6.86
CA ARG A 124 -24.19 2.19 -7.19
C ARG A 124 -23.55 0.90 -6.68
N LYS A 125 -22.56 1.06 -5.82
CA LYS A 125 -21.67 0.02 -5.36
C LYS A 125 -21.16 -0.83 -6.50
N THR A 126 -20.63 -0.21 -7.54
CA THR A 126 -20.00 -0.94 -8.61
C THR A 126 -18.48 -1.16 -8.35
N GLY A 127 -17.95 -0.48 -7.33
CA GLY A 127 -16.50 -0.35 -7.13
C GLY A 127 -15.85 0.80 -7.95
N ARG A 128 -16.64 1.44 -8.81
CA ARG A 128 -16.15 2.55 -9.69
C ARG A 128 -16.89 3.86 -9.33
N ALA A 129 -16.16 4.98 -9.41
CA ALA A 129 -16.79 6.27 -9.19
C ALA A 129 -17.56 6.81 -10.40
N ASP A 130 -18.85 7.08 -10.16
CA ASP A 130 -19.67 7.85 -11.07
C ASP A 130 -19.43 9.33 -10.89
N ILE A 131 -19.74 10.10 -11.92
CA ILE A 131 -19.69 11.56 -11.84
C ILE A 131 -20.99 12.02 -11.23
N VAL A 132 -20.92 12.95 -10.27
CA VAL A 132 -22.09 13.43 -9.59
C VAL A 132 -22.02 14.93 -9.53
N GLY A 133 -23.04 15.64 -10.02
CA GLY A 133 -22.99 17.09 -9.95
C GLY A 133 -24.25 17.73 -9.44
N PHE A 134 -24.10 18.69 -8.53
CA PHE A 134 -25.21 19.51 -8.14
C PHE A 134 -25.16 20.73 -9.04
N GLY A 135 -26.05 20.77 -10.04
CA GLY A 135 -26.03 21.79 -11.09
C GLY A 135 -27.23 22.74 -10.89
N ASP A 136 -27.84 23.15 -11.98
CA ASP A 136 -28.97 24.11 -11.96
C ASP A 136 -30.29 23.41 -11.65
N GLY A 137 -30.68 22.44 -12.50
CA GLY A 137 -31.95 21.70 -12.34
C GLY A 137 -32.06 20.72 -11.19
N GLY A 138 -30.93 20.33 -10.63
CA GLY A 138 -30.87 19.42 -9.53
C GLY A 138 -29.53 18.66 -9.60
N ILE A 139 -29.54 17.40 -9.22
CA ILE A 139 -28.36 16.52 -9.16
C ILE A 139 -28.33 15.70 -10.41
N TYR A 140 -27.18 15.72 -11.08
CA TYR A 140 -26.97 14.99 -12.30
C TYR A 140 -25.92 13.96 -12.06
N ILE A 141 -26.14 12.78 -12.62
CA ILE A 141 -25.17 11.68 -12.55
C ILE A 141 -24.82 11.19 -13.93
N SER A 142 -23.57 10.84 -14.11
CA SER A 142 -23.14 10.06 -15.25
C SER A 142 -22.54 8.76 -14.76
N ARG A 143 -23.15 7.65 -15.19
CA ARG A 143 -22.76 6.37 -14.76
C ARG A 143 -21.41 5.99 -15.33
N ASN A 144 -20.56 5.55 -14.46
CA ASN A 144 -19.33 4.95 -14.88
C ASN A 144 -19.59 3.50 -15.26
N ASN A 145 -19.62 3.23 -16.56
CA ASN A 145 -19.82 1.81 -17.01
C ASN A 145 -18.51 1.01 -17.25
N GLY A 146 -17.37 1.56 -16.83
CA GLY A 146 -16.09 0.85 -16.93
C GLY A 146 -15.40 1.16 -18.22
N GLY A 147 -14.06 1.02 -18.18
CA GLY A 147 -13.28 1.08 -19.36
C GLY A 147 -13.26 2.45 -19.93
N GLY A 148 -13.51 3.44 -19.09
CA GLY A 148 -13.58 4.83 -19.52
C GLY A 148 -14.93 5.25 -20.12
N GLN A 149 -15.93 4.37 -20.03
CA GLN A 149 -17.22 4.58 -20.59
C GLN A 149 -18.15 5.23 -19.57
N PHE A 150 -18.43 6.51 -19.79
CA PHE A 150 -19.36 7.24 -18.93
C PHE A 150 -20.61 7.55 -19.71
N ALA A 151 -21.73 7.22 -19.12
CA ALA A 151 -23.03 7.38 -19.81
C ALA A 151 -23.46 8.85 -19.84
N PRO A 152 -24.35 9.22 -20.78
CA PRO A 152 -24.80 10.60 -20.79
C PRO A 152 -25.39 11.00 -19.43
N ALA A 153 -25.14 12.23 -19.03
CA ALA A 153 -25.62 12.73 -17.76
C ALA A 153 -27.15 12.65 -17.67
N GLN A 154 -27.66 12.25 -16.49
CA GLN A 154 -29.14 12.15 -16.26
C GLN A 154 -29.51 12.80 -14.94
N LEU A 155 -30.73 13.42 -14.89
CA LEU A 155 -31.20 14.04 -13.71
C LEU A 155 -31.51 12.93 -12.66
N ALA A 156 -30.75 12.85 -11.61
CA ALA A 156 -30.99 11.90 -10.49
C ALA A 156 -32.11 12.34 -9.59
N LEU A 157 -32.19 13.65 -9.36
CA LEU A 157 -33.21 14.24 -8.59
C LEU A 157 -33.30 15.74 -8.84
N ASN A 158 -34.52 16.26 -8.93
CA ASN A 158 -34.75 17.68 -9.13
C ASN A 158 -34.76 18.48 -7.85
N ASN A 159 -33.64 18.44 -7.14
CA ASN A 159 -33.50 19.16 -5.93
C ASN A 159 -32.02 19.30 -5.59
N PHE A 160 -31.73 20.15 -4.60
CA PHE A 160 -30.39 20.51 -4.20
C PHE A 160 -29.62 21.25 -5.32
N GLY A 161 -30.36 21.81 -6.27
CA GLY A 161 -29.81 22.53 -7.42
C GLY A 161 -29.88 24.03 -7.23
N TYR A 162 -29.19 24.75 -8.11
CA TYR A 162 -29.22 26.21 -8.08
C TYR A 162 -30.65 26.72 -8.23
N ALA A 163 -31.42 26.01 -9.06
CA ALA A 163 -32.79 26.40 -9.38
C ALA A 163 -33.73 26.25 -8.16
N GLN A 164 -33.36 25.41 -7.18
CA GLN A 164 -34.15 25.24 -5.95
C GLN A 164 -33.61 26.10 -4.78
N GLY A 165 -32.84 27.10 -5.13
CA GLY A 165 -32.32 28.07 -4.19
C GLY A 165 -30.97 27.71 -3.53
N TRP A 166 -30.35 26.57 -3.87
CA TRP A 166 -29.07 26.17 -3.27
C TRP A 166 -27.91 27.07 -3.69
N ARG A 167 -27.20 27.55 -2.68
CA ARG A 167 -26.17 28.56 -2.83
C ARG A 167 -24.94 28.19 -1.99
N LEU A 168 -23.78 28.32 -2.63
CA LEU A 168 -22.54 28.02 -1.97
C LEU A 168 -22.30 29.01 -0.82
N ASP A 169 -22.90 30.23 -0.85
CA ASP A 169 -22.61 31.21 0.22
C ASP A 169 -23.61 31.11 1.39
N ARG A 170 -24.55 30.15 1.29
CA ARG A 170 -25.56 29.90 2.32
C ARG A 170 -25.71 28.49 2.81
N HIS A 171 -25.42 27.52 1.94
CA HIS A 171 -25.79 26.14 2.18
C HIS A 171 -24.61 25.16 2.01
N LEU A 172 -24.82 23.91 2.47
CA LEU A 172 -23.81 22.85 2.42
C LEU A 172 -24.41 21.57 1.86
N ARG A 173 -23.64 20.86 1.03
CA ARG A 173 -24.10 19.61 0.46
C ARG A 173 -22.96 18.58 0.56
N PHE A 174 -23.36 17.36 0.94
CA PHE A 174 -22.51 16.24 1.24
C PHE A 174 -23.10 14.98 0.62
N LEU A 175 -22.25 13.97 0.46
CA LEU A 175 -22.69 12.61 0.17
C LEU A 175 -22.20 11.78 1.34
N ALA A 176 -23.10 11.00 1.87
CA ALA A 176 -22.84 10.19 3.09
C ALA A 176 -23.94 9.16 3.29
N ASP A 177 -23.56 7.96 3.73
CA ASP A 177 -24.53 6.94 4.04
C ASP A 177 -25.17 7.29 5.40
N VAL A 178 -26.46 7.74 5.36
CA VAL A 178 -27.26 7.97 6.54
C VAL A 178 -28.21 6.82 6.94
N THR A 179 -28.23 5.73 6.19
CA THR A 179 -29.14 4.59 6.45
C THR A 179 -28.45 3.29 6.89
N GLY A 180 -27.17 3.12 6.58
CA GLY A 180 -26.44 1.87 6.83
C GLY A 180 -26.35 0.86 5.68
N ASP A 181 -27.05 1.10 4.57
CA ASP A 181 -27.06 0.16 3.46
C ASP A 181 -25.80 0.27 2.61
N GLY A 182 -24.93 1.21 2.98
CA GLY A 182 -23.69 1.32 2.29
C GLY A 182 -23.82 2.16 1.03
N LEU A 183 -25.00 2.73 0.78
CA LEU A 183 -25.14 3.64 -0.38
C LEU A 183 -25.05 5.10 0.11
N LEU A 184 -24.28 5.92 -0.60
CA LEU A 184 -24.15 7.34 -0.16
C LEU A 184 -25.44 8.04 -0.52
N ASP A 185 -26.05 8.65 0.49
CA ASP A 185 -27.23 9.47 0.37
C ASP A 185 -26.82 10.95 0.32
N VAL A 186 -27.75 11.81 -0.11
CA VAL A 186 -27.51 13.26 -0.08
C VAL A 186 -27.81 13.82 1.27
N VAL A 187 -26.90 14.64 1.81
CA VAL A 187 -27.19 15.46 2.99
C VAL A 187 -26.98 16.92 2.67
N GLY A 188 -28.04 17.71 2.79
CA GLY A 188 -27.98 19.12 2.44
C GLY A 188 -28.46 20.00 3.59
N PHE A 189 -27.58 20.91 4.03
CA PHE A 189 -27.95 21.94 5.05
C PHE A 189 -28.50 23.11 4.22
N GLY A 190 -29.81 23.14 4.09
CA GLY A 190 -30.48 24.17 3.29
C GLY A 190 -30.79 25.43 4.03
N GLU A 191 -31.79 26.15 3.52
CA GLU A 191 -32.17 27.45 4.06
C GLU A 191 -32.77 27.28 5.43
N ASN A 192 -33.71 26.35 5.58
CA ASN A 192 -34.46 26.18 6.79
C ASN A 192 -34.40 24.82 7.43
N GLN A 193 -33.84 23.84 6.75
CA GLN A 193 -33.80 22.48 7.22
C GLN A 193 -32.58 21.80 6.72
N VAL A 194 -32.07 20.89 7.51
CA VAL A 194 -31.21 19.83 6.93
C VAL A 194 -32.12 18.79 6.30
N TYR A 195 -31.85 18.45 5.04
CA TYR A 195 -32.59 17.43 4.28
C TYR A 195 -31.67 16.28 3.95
N ILE A 196 -32.24 15.12 3.78
CA ILE A 196 -31.53 14.01 3.17
C ILE A 196 -32.33 13.59 1.96
N ALA A 197 -31.67 12.85 1.09
CA ALA A 197 -32.30 12.21 -0.03
C ALA A 197 -31.67 10.81 -0.16
N ARG A 198 -32.51 9.78 -0.09
CA ARG A 198 -32.04 8.43 -0.05
C ARG A 198 -31.66 7.91 -1.42
N ASN A 199 -30.46 7.36 -1.52
CA ASN A 199 -29.95 6.72 -2.68
C ASN A 199 -30.68 5.44 -2.91
N SER A 200 -31.27 5.31 -4.06
CA SER A 200 -32.01 4.07 -4.37
C SER A 200 -31.15 3.04 -5.02
N GLY A 201 -29.91 3.36 -5.30
CA GLY A 201 -28.97 2.36 -5.82
C GLY A 201 -28.93 2.31 -7.33
N ASN A 202 -29.84 3.02 -7.99
CA ASN A 202 -30.00 2.83 -9.40
C ASN A 202 -29.75 4.11 -10.18
N GLY A 203 -29.03 5.02 -9.56
CA GLY A 203 -28.75 6.33 -10.13
C GLY A 203 -29.85 7.37 -9.89
N THR A 204 -30.67 7.15 -8.87
CA THR A 204 -31.71 8.08 -8.53
C THR A 204 -31.68 8.22 -7.04
N PHE A 205 -32.17 9.38 -6.58
CA PHE A 205 -32.40 9.66 -5.16
C PHE A 205 -33.87 9.89 -4.97
N GLN A 206 -34.37 9.37 -3.85
CA GLN A 206 -35.71 9.63 -3.36
C GLN A 206 -35.91 11.11 -2.98
N PRO A 207 -37.16 11.58 -2.92
CA PRO A 207 -37.36 13.00 -2.67
C PRO A 207 -36.70 13.48 -1.39
N ALA A 208 -36.25 14.73 -1.37
CA ALA A 208 -35.68 15.34 -0.19
C ALA A 208 -36.64 15.20 1.01
N GLN A 209 -36.10 14.84 2.15
CA GLN A 209 -36.85 14.75 3.42
C GLN A 209 -36.16 15.62 4.46
N ALA A 210 -36.90 16.53 5.06
CA ALA A 210 -36.37 17.36 6.09
C ALA A 210 -36.13 16.52 7.32
N VAL A 211 -34.96 16.64 7.92
CA VAL A 211 -34.66 15.78 9.10
C VAL A 211 -34.35 16.57 10.35
N VAL A 212 -33.84 17.81 10.21
CA VAL A 212 -33.38 18.60 11.35
C VAL A 212 -33.64 20.07 11.09
N ASN A 213 -34.32 20.72 12.03
CA ASN A 213 -34.64 22.17 11.82
C ASN A 213 -33.63 23.02 12.59
N ASN A 214 -32.39 22.84 12.19
CA ASN A 214 -31.25 23.42 12.83
C ASN A 214 -30.06 23.34 11.89
N PHE A 215 -28.94 23.93 12.31
CA PHE A 215 -27.69 23.88 11.62
C PHE A 215 -27.79 24.59 10.27
N CYS A 216 -28.76 25.47 10.10
CA CYS A 216 -28.93 26.19 8.82
C CYS A 216 -28.97 27.68 9.09
N ILE A 217 -28.75 28.45 8.02
CA ILE A 217 -28.80 29.86 8.15
C ILE A 217 -30.14 30.37 8.59
N GLY A 218 -31.22 29.79 8.07
CA GLY A 218 -32.54 30.19 8.46
C GLY A 218 -33.09 29.42 9.66
N ALA A 219 -32.27 28.55 10.26
CA ALA A 219 -32.69 27.72 11.43
C ALA A 219 -31.50 27.61 12.36
N GLY A 220 -31.38 28.62 13.19
CA GLY A 220 -30.30 28.73 14.13
C GLY A 220 -29.26 29.76 13.79
N GLY A 221 -29.35 30.36 12.60
CA GLY A 221 -28.40 31.40 12.27
C GLY A 221 -27.01 30.86 11.97
N TRP A 222 -26.92 29.66 11.40
CA TRP A 222 -25.64 29.06 11.03
C TRP A 222 -25.19 29.67 9.68
N THR A 223 -24.00 30.22 9.65
CA THR A 223 -23.50 30.92 8.46
C THR A 223 -22.30 30.19 7.95
N ILE A 224 -22.05 30.34 6.64
CA ILE A 224 -20.90 29.80 5.97
C ILE A 224 -19.59 30.48 6.47
N SER A 225 -19.64 31.79 6.69
CA SER A 225 -18.45 32.50 7.07
C SER A 225 -18.07 32.29 8.56
N ALA A 226 -18.94 31.76 9.39
CA ALA A 226 -18.58 31.64 10.81
C ALA A 226 -18.81 30.31 11.47
N HIS A 227 -19.64 29.44 10.88
CA HIS A 227 -20.09 28.25 11.62
C HIS A 227 -20.00 26.95 10.78
N PRO A 228 -18.80 26.42 10.61
CA PRO A 228 -18.67 25.16 9.86
C PRO A 228 -19.41 23.96 10.41
N ARG A 229 -19.83 23.06 9.49
CA ARG A 229 -20.59 21.91 9.81
C ARG A 229 -19.98 20.71 9.10
N VAL A 230 -19.97 19.59 9.79
CA VAL A 230 -19.48 18.34 9.15
C VAL A 230 -20.49 17.22 9.28
N VAL A 231 -20.32 16.21 8.44
CA VAL A 231 -21.10 14.97 8.53
C VAL A 231 -20.06 13.86 8.74
N ALA A 232 -20.26 13.06 9.81
CA ALA A 232 -19.33 12.07 10.19
C ALA A 232 -19.95 11.11 11.21
N ASP A 233 -19.38 9.90 11.26
CA ASP A 233 -19.91 8.84 12.17
C ASP A 233 -19.34 9.15 13.52
N LEU A 234 -20.21 9.53 14.45
CA LEU A 234 -19.79 9.85 15.81
C LEU A 234 -19.99 8.73 16.81
N THR A 235 -20.60 7.63 16.37
CA THR A 235 -20.98 6.56 17.27
C THR A 235 -20.33 5.19 16.95
N GLY A 236 -19.83 4.98 15.75
CA GLY A 236 -19.24 3.70 15.41
C GLY A 236 -20.16 2.75 14.67
N ASP A 237 -21.40 3.12 14.35
CA ASP A 237 -22.22 2.20 13.58
C ASP A 237 -22.18 2.43 12.08
N ARG A 238 -21.23 3.22 11.60
CA ARG A 238 -21.09 3.50 10.14
C ARG A 238 -22.24 4.29 9.52
N LYS A 239 -23.13 4.83 10.35
CA LYS A 239 -24.20 5.73 9.91
C LYS A 239 -23.80 7.17 10.27
N ALA A 240 -23.83 8.08 9.28
CA ALA A 240 -23.34 9.40 9.52
C ALA A 240 -24.27 10.22 10.48
N ASP A 241 -23.61 10.92 11.37
CA ASP A 241 -24.17 11.94 12.25
C ASP A 241 -23.82 13.35 11.79
N ILE A 242 -24.41 14.33 12.45
CA ILE A 242 -24.19 15.74 12.16
C ILE A 242 -23.43 16.40 13.29
N LEU A 243 -22.39 17.14 12.93
CA LEU A 243 -21.69 17.98 13.91
C LEU A 243 -21.48 19.39 13.37
N GLY A 244 -21.74 20.40 14.20
CA GLY A 244 -21.55 21.78 13.85
C GLY A 244 -20.73 22.56 14.85
N PHE A 245 -19.85 23.40 14.35
CA PHE A 245 -19.13 24.33 15.22
C PHE A 245 -19.85 25.68 15.25
N GLY A 246 -20.60 25.87 16.31
CA GLY A 246 -21.51 27.01 16.43
C GLY A 246 -20.91 28.15 17.22
N VAL A 247 -21.77 28.99 17.79
CA VAL A 247 -21.34 30.11 18.60
C VAL A 247 -20.84 29.64 19.99
N ALA A 248 -21.66 28.91 20.71
CA ALA A 248 -21.28 28.50 22.09
C ALA A 248 -20.28 27.34 22.11
N GLY A 249 -20.26 26.59 21.02
CA GLY A 249 -19.41 25.42 20.92
C GLY A 249 -19.94 24.43 19.91
N VAL A 250 -19.67 23.16 20.19
CA VAL A 250 -20.00 22.04 19.29
C VAL A 250 -21.37 21.47 19.55
N TYR A 251 -22.17 21.47 18.48
CA TYR A 251 -23.49 20.86 18.52
C TYR A 251 -23.53 19.63 17.63
N THR A 252 -24.30 18.64 18.06
CA THR A 252 -24.50 17.42 17.31
C THR A 252 -25.96 17.06 17.20
N SER A 253 -26.29 16.37 16.11
CA SER A 253 -27.54 15.61 15.99
C SER A 253 -27.15 14.21 15.60
N LEU A 254 -27.45 13.24 16.48
CA LEU A 254 -27.20 11.84 16.17
C LEU A 254 -28.28 11.17 15.36
N ASN A 255 -27.83 10.40 14.37
CA ASN A 255 -28.68 9.50 13.55
C ASN A 255 -29.42 8.57 14.51
N ASN A 256 -30.74 8.49 14.33
CA ASN A 256 -31.56 7.54 15.08
C ASN A 256 -31.27 6.11 14.59
N GLY A 257 -30.72 5.98 13.38
CA GLY A 257 -30.37 4.66 12.88
C GLY A 257 -31.03 4.35 11.56
N ASN A 258 -31.97 5.16 11.17
CA ASN A 258 -32.72 4.93 9.95
C ASN A 258 -32.70 6.14 9.00
N GLY A 259 -31.81 7.09 9.23
CA GLY A 259 -31.78 8.34 8.47
C GLY A 259 -32.72 9.41 8.98
N THR A 260 -33.35 9.20 10.14
CA THR A 260 -33.91 10.26 10.92
C THR A 260 -32.90 10.61 12.00
N PHE A 261 -33.07 11.80 12.54
CA PHE A 261 -32.07 12.38 13.39
C PHE A 261 -32.67 12.91 14.68
N GLY A 262 -31.89 12.79 15.75
CA GLY A 262 -32.36 13.10 17.09
C GLY A 262 -32.17 14.57 17.44
N ALA A 263 -32.43 14.87 18.71
CA ALA A 263 -32.35 16.26 19.20
C ALA A 263 -30.96 16.88 19.01
N VAL A 264 -30.93 18.21 18.85
CA VAL A 264 -29.67 18.91 18.71
C VAL A 264 -29.22 19.28 20.06
N ASN A 265 -27.99 18.90 20.41
CA ASN A 265 -27.39 19.14 21.72
C ASN A 265 -26.02 19.78 21.64
N LEU A 266 -25.79 20.72 22.56
CA LEU A 266 -24.47 21.31 22.78
C LEU A 266 -23.66 20.32 23.55
N VAL A 267 -22.65 19.76 22.90
CA VAL A 267 -21.90 18.67 23.55
C VAL A 267 -20.52 19.10 24.02
N LEU A 268 -20.04 20.25 23.58
CA LEU A 268 -18.77 20.71 24.06
C LEU A 268 -18.64 22.20 23.96
N LYS A 269 -18.21 22.83 25.07
CA LYS A 269 -18.12 24.29 25.12
C LYS A 269 -16.75 24.78 24.67
N ASP A 270 -16.34 24.40 23.45
CA ASP A 270 -15.13 24.87 22.85
C ASP A 270 -15.28 24.70 21.33
N PHE A 271 -14.31 25.21 20.57
CA PHE A 271 -14.27 25.10 19.10
C PHE A 271 -15.31 25.95 18.40
N GLY A 272 -15.97 26.80 19.19
CA GLY A 272 -16.95 27.79 18.73
C GLY A 272 -16.45 29.23 18.64
N VAL A 273 -17.28 30.11 18.13
CA VAL A 273 -16.95 31.55 18.04
C VAL A 273 -16.60 32.09 19.43
N ASN A 274 -17.36 31.67 20.42
CA ASN A 274 -17.15 32.13 21.80
C ASN A 274 -15.82 31.71 22.46
N SER A 275 -15.15 30.72 21.86
CA SER A 275 -13.81 30.32 22.29
C SER A 275 -12.75 30.85 21.36
N GLY A 276 -13.10 31.82 20.55
CA GLY A 276 -12.16 32.50 19.67
C GLY A 276 -12.00 31.97 18.27
N TRP A 277 -12.73 30.92 17.92
CA TRP A 277 -12.53 30.27 16.64
C TRP A 277 -13.14 31.04 15.49
N ARG A 278 -12.38 31.18 14.41
CA ARG A 278 -12.75 32.00 13.27
C ARG A 278 -12.37 31.32 11.99
N VAL A 279 -13.34 31.16 11.11
CA VAL A 279 -13.13 30.42 9.84
C VAL A 279 -11.91 30.98 9.10
N GLU A 280 -11.75 32.29 9.16
CA GLU A 280 -10.68 33.02 8.47
C GLU A 280 -9.27 32.68 9.03
N LYS A 281 -9.17 32.21 10.28
CA LYS A 281 -7.87 31.97 10.91
C LYS A 281 -7.60 30.52 11.29
N HIS A 282 -8.66 29.69 11.37
CA HIS A 282 -8.56 28.38 11.97
C HIS A 282 -9.21 27.30 11.12
N VAL A 283 -8.75 26.08 11.38
CA VAL A 283 -9.23 24.89 10.66
C VAL A 283 -9.82 23.93 11.70
N ARG A 284 -11.02 23.40 11.41
CA ARG A 284 -11.69 22.49 12.31
C ARG A 284 -12.17 21.27 11.51
N CYS A 285 -11.90 20.08 12.09
CA CYS A 285 -11.99 18.78 11.38
C CYS A 285 -12.57 17.74 12.34
N VAL A 286 -13.15 16.69 11.77
CA VAL A 286 -13.55 15.53 12.57
C VAL A 286 -12.87 14.30 11.90
N SER A 287 -12.15 13.55 12.68
CA SER A 287 -11.45 12.38 12.20
C SER A 287 -11.23 11.40 13.31
N SER A 288 -10.97 10.15 12.96
CA SER A 288 -10.69 9.13 13.96
C SER A 288 -9.22 9.16 14.41
N LEU A 289 -9.00 9.44 15.69
CA LEU A 289 -7.67 9.57 16.26
C LEU A 289 -7.35 8.42 17.24
N THR A 290 -8.31 7.53 17.42
CA THR A 290 -8.11 6.39 18.31
C THR A 290 -8.66 5.10 17.70
N ASN A 291 -8.42 4.01 18.45
CA ASN A 291 -8.91 2.72 18.03
C ASN A 291 -10.43 2.58 18.15
N LYS A 292 -11.10 3.57 18.70
CA LYS A 292 -12.55 3.55 18.73
C LYS A 292 -13.18 3.76 17.36
N LYS A 293 -12.44 4.31 16.40
CA LYS A 293 -12.95 4.39 15.02
C LYS A 293 -14.20 5.26 14.93
N VAL A 294 -14.19 6.42 15.59
CA VAL A 294 -15.31 7.37 15.62
C VAL A 294 -14.75 8.78 15.41
N GLY A 295 -15.62 9.75 15.16
CA GLY A 295 -15.18 11.10 14.91
C GLY A 295 -14.74 11.82 16.18
N ASP A 296 -13.44 12.08 16.30
CA ASP A 296 -12.87 12.96 17.30
C ASP A 296 -12.73 14.33 16.70
N ILE A 297 -12.57 15.35 17.54
CA ILE A 297 -12.55 16.77 17.08
C ILE A 297 -11.13 17.24 17.11
N ILE A 298 -10.68 17.83 15.99
CA ILE A 298 -9.39 18.44 15.89
C ILE A 298 -9.50 19.89 15.38
N GLY A 299 -8.87 20.82 16.08
CA GLY A 299 -8.89 22.23 15.74
C GLY A 299 -7.49 22.81 15.66
N PHE A 300 -7.20 23.45 14.51
CA PHE A 300 -5.98 24.18 14.33
C PHE A 300 -6.24 25.62 14.78
N GLY A 301 -5.95 25.86 16.05
CA GLY A 301 -6.24 27.13 16.69
C GLY A 301 -5.11 28.10 16.62
N ASP A 302 -5.07 28.98 17.64
CA ASP A 302 -4.07 30.03 17.69
C ASP A 302 -2.72 29.47 18.15
N ALA A 303 -2.69 28.82 19.33
CA ALA A 303 -1.43 28.37 19.97
C ALA A 303 -0.93 27.00 19.49
N GLY A 304 -1.80 26.27 18.81
CA GLY A 304 -1.48 24.94 18.35
C GLY A 304 -2.74 24.15 17.99
N VAL A 305 -2.62 22.82 18.01
CA VAL A 305 -3.70 21.94 17.62
C VAL A 305 -4.41 21.46 18.87
N TYR A 306 -5.73 21.64 18.91
CA TYR A 306 -6.54 21.22 20.03
C TYR A 306 -7.36 20.01 19.64
N VAL A 307 -7.54 19.08 20.58
CA VAL A 307 -8.24 17.84 20.32
C VAL A 307 -9.16 17.49 21.46
N ALA A 308 -10.35 17.03 21.11
CA ALA A 308 -11.25 16.45 22.09
C ALA A 308 -11.59 15.05 21.59
N LEU A 309 -11.39 14.05 22.45
CA LEU A 309 -11.62 12.68 22.01
C LEU A 309 -13.04 12.26 22.32
N ASN A 310 -13.65 11.65 21.33
CA ASN A 310 -14.94 11.02 21.44
C ASN A 310 -14.87 9.81 22.40
N ASN A 311 -15.78 9.75 23.37
CA ASN A 311 -15.87 8.61 24.31
C ASN A 311 -16.41 7.32 23.65
N GLY A 312 -16.96 7.46 22.45
CA GLY A 312 -17.41 6.33 21.66
C GLY A 312 -18.87 6.48 21.25
N ASN A 313 -19.56 7.38 21.92
CA ASN A 313 -20.99 7.55 21.74
C ASN A 313 -21.36 8.96 21.36
N GLY A 314 -20.38 9.77 20.96
CA GLY A 314 -20.66 11.12 20.50
C GLY A 314 -20.54 12.15 21.61
N THR A 315 -20.17 11.73 22.82
CA THR A 315 -19.85 12.67 23.87
C THR A 315 -18.32 12.76 23.94
N PHE A 316 -17.80 13.88 24.42
CA PHE A 316 -16.42 14.20 24.26
C PHE A 316 -15.71 14.45 25.57
N GLY A 317 -14.43 14.09 25.59
CA GLY A 317 -13.54 14.33 26.73
C GLY A 317 -13.00 15.77 26.72
N PRO A 318 -12.06 16.09 27.60
CA PRO A 318 -11.56 17.44 27.68
C PRO A 318 -10.70 17.83 26.48
N VAL A 319 -10.64 19.11 26.21
CA VAL A 319 -9.84 19.66 25.11
C VAL A 319 -8.40 19.78 25.56
N LYS A 320 -7.49 19.20 24.80
CA LYS A 320 -6.06 19.25 25.11
C LYS A 320 -5.34 19.85 23.90
N ARG A 321 -4.34 20.72 24.15
CA ARG A 321 -3.49 21.22 23.06
C ARG A 321 -2.41 20.17 22.84
N VAL A 322 -2.51 19.44 21.73
CA VAL A 322 -1.67 18.26 21.51
C VAL A 322 -0.32 18.59 20.89
N ILE A 323 -0.24 19.71 20.20
CA ILE A 323 1.05 20.19 19.80
C ILE A 323 1.00 21.70 19.70
N ASP A 324 2.11 22.31 20.05
CA ASP A 324 2.25 23.76 19.93
C ASP A 324 2.79 24.15 18.54
N ASN A 325 2.10 23.73 17.49
CA ASN A 325 2.44 24.07 16.13
C ASN A 325 1.23 23.81 15.27
N PHE A 326 1.35 24.13 13.97
CA PHE A 326 0.27 24.14 13.02
C PHE A 326 -0.78 25.20 13.31
N GLY A 327 -0.43 26.19 14.13
CA GLY A 327 -1.39 27.20 14.57
C GLY A 327 -1.18 28.59 13.97
N TYR A 328 -2.18 29.46 14.14
CA TYR A 328 -2.10 30.83 13.68
C TYR A 328 -0.83 31.49 14.23
N ASN A 329 -0.55 31.23 15.50
CA ASN A 329 0.65 31.81 16.15
C ASN A 329 1.97 31.37 15.57
N GLN A 330 2.00 30.21 14.90
CA GLN A 330 3.21 29.72 14.25
C GLN A 330 3.27 30.09 12.75
N GLY A 331 2.44 31.02 12.32
CA GLY A 331 2.49 31.54 10.94
C GLY A 331 1.50 30.90 9.99
N TRP A 332 0.69 29.99 10.50
CA TRP A 332 -0.14 29.16 9.62
C TRP A 332 -1.37 29.98 9.25
N ARG A 333 -1.63 30.08 7.93
CA ARG A 333 -2.67 30.93 7.37
C ARG A 333 -3.58 30.10 6.48
N VAL A 334 -4.87 30.32 6.65
CA VAL A 334 -5.84 29.55 5.89
C VAL A 334 -5.69 29.79 4.39
N ASP A 335 -5.30 30.98 3.97
CA ASP A 335 -5.20 31.25 2.55
C ASP A 335 -3.85 30.85 1.97
N LYS A 336 -2.98 30.23 2.76
CA LYS A 336 -1.67 29.83 2.23
C LYS A 336 -1.17 28.39 2.49
N HIS A 337 -1.61 27.79 3.59
CA HIS A 337 -1.00 26.62 4.18
C HIS A 337 -2.03 25.53 4.48
N PRO A 338 -2.34 24.74 3.45
CA PRO A 338 -3.32 23.64 3.64
C PRO A 338 -2.89 22.67 4.75
N ARG A 339 -3.83 22.31 5.59
CA ARG A 339 -3.65 21.33 6.68
C ARG A 339 -4.73 20.23 6.57
N PHE A 340 -4.30 18.96 6.73
CA PHE A 340 -5.18 17.80 6.68
C PHE A 340 -4.99 16.87 7.87
N VAL A 341 -6.04 16.20 8.27
CA VAL A 341 -5.96 15.17 9.35
C VAL A 341 -6.26 13.84 8.64
N VAL A 342 -5.27 12.98 8.62
CA VAL A 342 -5.24 11.81 7.75
C VAL A 342 -4.22 10.82 8.27
N ASP A 343 -4.54 9.52 8.17
CA ASP A 343 -3.58 8.45 8.57
C ASP A 343 -2.47 8.39 7.56
N LEU A 344 -1.27 8.64 8.06
CA LEU A 344 -0.03 8.56 7.30
C LEU A 344 0.86 7.40 7.61
N THR A 345 0.49 6.66 8.66
CA THR A 345 1.33 5.64 9.25
C THR A 345 0.75 4.19 9.21
N GLY A 346 -0.53 4.01 8.91
CA GLY A 346 -1.17 2.74 8.71
C GLY A 346 -1.73 2.10 9.97
N ASP A 347 -1.74 2.80 11.09
CA ASP A 347 -2.21 2.20 12.35
C ASP A 347 -3.73 2.48 12.61
N GLY A 348 -4.37 3.18 11.70
CA GLY A 348 -5.79 3.52 11.88
C GLY A 348 -6.03 4.77 12.72
N CYS A 349 -4.96 5.45 13.14
CA CYS A 349 -5.12 6.65 13.96
C CYS A 349 -4.64 7.85 13.16
N ALA A 350 -5.55 8.78 12.90
CA ALA A 350 -5.21 9.87 11.97
C ALA A 350 -4.04 10.72 12.50
N ASP A 351 -3.22 11.17 11.57
CA ASP A 351 -2.07 12.01 11.83
C ASP A 351 -2.34 13.42 11.28
N ILE A 352 -1.34 14.31 11.33
CA ILE A 352 -1.44 15.68 10.88
C ILE A 352 -0.40 15.94 9.83
N VAL A 353 -0.82 16.57 8.76
CA VAL A 353 0.13 17.03 7.77
C VAL A 353 -0.24 18.44 7.34
N GLY A 354 0.78 19.30 7.21
CA GLY A 354 0.56 20.69 6.78
C GLY A 354 1.55 21.11 5.69
N PHE A 355 1.06 21.76 4.66
CA PHE A 355 1.89 22.32 3.62
C PHE A 355 2.23 23.77 4.04
N GLY A 356 3.40 23.94 4.65
CA GLY A 356 3.76 25.19 5.28
C GLY A 356 4.36 26.20 4.33
N GLU A 357 5.04 27.20 4.91
CA GLU A 357 5.58 28.29 4.13
C GLU A 357 6.73 27.77 3.28
N ASN A 358 7.65 27.10 3.96
CA ASN A 358 8.89 26.58 3.33
C ASN A 358 9.04 25.04 3.34
N SER A 359 8.30 24.35 4.20
CA SER A 359 8.38 22.89 4.30
C SER A 359 6.99 22.28 4.45
N VAL A 360 6.88 21.01 4.08
CA VAL A 360 5.77 20.23 4.44
C VAL A 360 6.12 19.65 5.79
N TRP A 361 5.20 19.72 6.72
CA TRP A 361 5.41 19.29 8.08
C TRP A 361 4.38 18.24 8.44
N ALA A 362 4.79 17.29 9.26
CA ALA A 362 3.82 16.32 9.79
C ALA A 362 4.02 16.07 11.23
N CYS A 363 3.02 15.46 11.84
CA CYS A 363 3.11 15.16 13.22
C CYS A 363 2.20 13.92 13.48
N MET A 364 2.81 12.89 14.06
CA MET A 364 2.22 11.56 14.09
C MET A 364 1.57 11.24 15.40
N ASN A 365 0.38 10.67 15.25
CA ASN A 365 -0.44 10.22 16.36
C ASN A 365 0.33 9.08 17.03
N LYS A 366 0.39 9.09 18.35
CA LYS A 366 1.03 8.02 19.09
C LYS A 366 0.24 6.76 19.10
N GLY A 367 -1.01 6.85 18.71
CA GLY A 367 -1.88 5.70 18.69
C GLY A 367 -3.03 5.84 19.66
N ASP A 368 -3.04 6.92 20.44
CA ASP A 368 -4.08 7.15 21.49
C ASP A 368 -4.68 8.54 21.45
N GLY A 369 -4.40 9.28 20.37
CA GLY A 369 -4.94 10.61 20.22
C GLY A 369 -4.04 11.68 20.81
N THR A 370 -2.83 11.29 21.24
CA THR A 370 -1.78 12.25 21.59
C THR A 370 -0.78 12.15 20.48
N PHE A 371 0.13 13.10 20.40
CA PHE A 371 0.97 13.28 19.21
C PHE A 371 2.44 13.45 19.54
N GLY A 372 3.28 13.08 18.58
CA GLY A 372 4.70 13.18 18.74
C GLY A 372 5.19 14.57 18.33
N PRO A 373 6.49 14.72 18.19
CA PRO A 373 7.01 16.02 17.79
C PRO A 373 6.87 16.23 16.28
N ILE A 374 6.94 17.47 15.88
CA ILE A 374 6.79 17.84 14.50
C ILE A 374 7.96 17.39 13.66
N MET A 375 7.66 16.92 12.48
CA MET A 375 8.67 16.37 11.58
C MET A 375 8.65 17.23 10.37
N GLN A 376 9.82 17.66 9.91
CA GLN A 376 9.94 18.31 8.59
C GLN A 376 10.09 17.19 7.58
N LEU A 377 9.13 17.08 6.65
CA LEU A 377 9.11 16.01 5.68
C LEU A 377 9.92 16.35 4.47
N ILE A 378 9.71 17.53 3.88
CA ILE A 378 10.39 17.89 2.65
C ILE A 378 10.15 19.36 2.38
N ASP A 379 11.09 20.01 1.69
CA ASP A 379 11.00 21.44 1.36
C ASP A 379 10.47 21.58 -0.04
N ASP A 380 9.20 21.24 -0.23
CA ASP A 380 8.59 21.40 -1.52
C ASP A 380 7.08 21.35 -1.38
N MET A 381 6.40 21.70 -2.45
CA MET A 381 4.92 21.81 -2.52
C MET A 381 4.39 22.88 -1.56
N THR A 382 5.14 23.99 -1.48
CA THR A 382 4.94 25.03 -0.49
C THR A 382 4.83 26.41 -1.16
N VAL A 383 4.36 27.36 -0.35
CA VAL A 383 4.34 28.76 -0.73
C VAL A 383 5.68 29.19 -1.30
N SER A 384 6.74 28.99 -0.55
CA SER A 384 8.11 29.35 -1.03
C SER A 384 8.48 28.80 -2.43
N LYS A 385 7.92 27.67 -2.81
CA LYS A 385 8.18 27.12 -4.15
C LYS A 385 7.12 27.49 -5.18
N GLY A 386 6.28 28.49 -4.88
CA GLY A 386 5.31 29.00 -5.83
C GLY A 386 3.93 28.35 -5.80
N TRP A 387 3.65 27.51 -4.80
CA TRP A 387 2.34 26.86 -4.72
C TRP A 387 1.41 27.76 -3.94
N THR A 388 0.42 28.32 -4.62
CA THR A 388 -0.56 29.23 -3.99
C THR A 388 -1.94 28.62 -4.10
N LEU A 389 -2.91 29.08 -3.30
CA LEU A 389 -4.27 28.56 -3.40
C LEU A 389 -4.92 28.96 -4.69
N GLN A 390 -4.50 30.08 -5.24
CA GLN A 390 -5.13 30.58 -6.44
C GLN A 390 -4.78 29.79 -7.69
N LYS A 391 -3.57 29.24 -7.73
CA LYS A 391 -3.03 28.55 -8.90
C LYS A 391 -2.81 27.03 -8.77
N THR A 392 -2.92 26.49 -7.56
CA THR A 392 -2.63 25.07 -7.34
C THR A 392 -3.63 24.43 -6.39
N VAL A 393 -3.73 23.10 -6.48
CA VAL A 393 -4.59 22.31 -5.62
C VAL A 393 -3.75 21.20 -5.02
N ARG A 394 -3.91 20.97 -3.71
CA ARG A 394 -3.15 19.96 -3.01
C ARG A 394 -4.07 19.17 -2.10
N TYR A 395 -3.81 17.88 -2.06
CA TYR A 395 -4.55 16.92 -1.27
C TYR A 395 -3.69 15.88 -0.61
N ALA A 396 -4.19 15.34 0.51
CA ALA A 396 -3.79 14.01 0.98
C ALA A 396 -4.73 13.04 0.24
N ALA A 397 -4.19 11.93 -0.27
CA ALA A 397 -4.99 10.93 -0.99
C ALA A 397 -4.31 9.57 -0.95
N ASN A 398 -5.07 8.51 -0.85
CA ASN A 398 -4.50 7.18 -0.86
C ASN A 398 -4.39 6.73 -2.29
N LEU A 399 -3.28 6.99 -2.93
CA LEU A 399 -3.15 6.60 -4.34
C LEU A 399 -2.91 5.12 -4.61
N TYR A 400 -2.50 4.33 -3.60
CA TYR A 400 -2.07 2.95 -3.86
C TYR A 400 -2.71 2.04 -2.82
N LEU A 401 -3.45 1.04 -3.30
CA LEU A 401 -4.38 0.25 -2.45
C LEU A 401 -4.63 -1.09 -3.09
N VAL B 2 4.71 -12.06 -11.38
CA VAL B 2 5.70 -13.20 -11.50
C VAL B 2 6.22 -13.49 -10.10
N VAL B 3 5.80 -14.63 -9.57
CA VAL B 3 6.27 -15.03 -8.29
C VAL B 3 7.29 -16.16 -8.55
N VAL B 4 8.50 -16.08 -8.00
CA VAL B 4 9.41 -17.25 -7.95
C VAL B 4 9.71 -17.50 -6.47
N ILE B 5 9.53 -18.72 -6.01
CA ILE B 5 9.82 -19.08 -4.64
C ILE B 5 11.10 -19.94 -4.62
N SER B 6 12.10 -19.52 -3.88
CA SER B 6 13.34 -20.28 -3.77
C SER B 6 13.64 -20.58 -2.35
N GLN B 7 14.59 -21.48 -2.16
CA GLN B 7 15.09 -21.81 -0.80
C GLN B 7 15.70 -20.56 -0.18
N ALA B 8 16.46 -19.79 -0.96
CA ALA B 8 17.13 -18.60 -0.44
C ALA B 8 16.15 -17.48 -0.10
N LEU B 9 15.10 -17.38 -0.90
CA LEU B 9 14.11 -16.34 -0.79
C LEU B 9 12.72 -17.01 -0.85
N PRO B 10 12.31 -17.56 0.28
CA PRO B 10 11.00 -18.18 0.31
C PRO B 10 9.85 -17.18 0.39
N VAL B 11 10.14 -15.91 0.61
CA VAL B 11 9.13 -14.87 0.73
C VAL B 11 9.37 -13.91 -0.45
N PRO B 12 8.71 -14.14 -1.55
CA PRO B 12 8.86 -13.20 -2.67
C PRO B 12 8.27 -11.82 -2.34
N THR B 13 8.64 -10.81 -3.13
CA THR B 13 8.21 -9.43 -2.89
C THR B 13 7.72 -8.89 -4.20
N ARG B 14 6.92 -7.84 -4.15
CA ARG B 14 6.19 -7.36 -5.32
C ARG B 14 7.00 -6.36 -6.09
N ILE B 15 6.83 -6.37 -7.40
CA ILE B 15 7.37 -5.34 -8.26
C ILE B 15 6.19 -4.81 -9.07
N PRO B 16 5.78 -3.54 -8.89
CA PRO B 16 6.24 -2.56 -7.96
C PRO B 16 5.69 -2.82 -6.56
N GLY B 17 6.36 -2.23 -5.60
CA GLY B 17 5.98 -2.34 -4.19
C GLY B 17 6.75 -1.40 -3.29
N VAL B 18 6.27 -1.31 -2.06
CA VAL B 18 6.94 -0.57 -1.01
C VAL B 18 7.12 -1.52 0.15
N ALA B 19 8.14 -2.39 0.03
CA ALA B 19 8.29 -3.48 0.93
C ALA B 19 8.58 -3.09 2.33
N ASP B 20 8.01 -3.83 3.25
CA ASP B 20 8.27 -3.62 4.66
C ASP B 20 9.42 -4.50 5.13
N LEU B 21 9.87 -4.29 6.38
CA LEU B 21 10.90 -5.14 7.00
C LEU B 21 10.23 -5.83 8.15
N VAL B 22 10.48 -7.15 8.26
CA VAL B 22 9.93 -7.96 9.29
C VAL B 22 11.05 -8.74 9.95
N GLY B 23 10.92 -8.91 11.26
CA GLY B 23 11.90 -9.62 12.03
C GLY B 23 11.30 -10.51 13.09
N PHE B 24 11.73 -11.77 13.06
CA PHE B 24 11.41 -12.77 14.10
C PHE B 24 12.60 -12.71 15.01
N GLY B 25 12.52 -11.82 16.01
CA GLY B 25 13.60 -11.58 16.96
C GLY B 25 13.44 -12.55 18.09
N ASN B 26 14.38 -12.49 19.02
CA ASN B 26 14.26 -13.28 20.28
C ASN B 26 12.93 -13.15 20.97
N GLY B 27 12.35 -11.95 20.95
CA GLY B 27 11.16 -11.65 21.74
C GLY B 27 9.84 -11.72 21.03
N GLY B 28 9.87 -12.02 19.74
CA GLY B 28 8.64 -12.13 18.94
C GLY B 28 8.80 -11.52 17.54
N VAL B 29 7.67 -11.06 17.00
CA VAL B 29 7.66 -10.56 15.64
C VAL B 29 7.59 -9.04 15.71
N TYR B 30 8.41 -8.39 14.87
CA TYR B 30 8.56 -6.95 14.86
C TYR B 30 8.51 -6.52 13.41
N ILE B 31 7.93 -5.34 13.17
CA ILE B 31 7.93 -4.78 11.80
C ILE B 31 8.43 -3.38 11.73
N ILE B 32 8.94 -3.06 10.56
CA ILE B 32 9.18 -1.70 10.17
C ILE B 32 8.36 -1.44 8.91
N ARG B 33 7.25 -0.73 9.10
CA ARG B 33 6.35 -0.39 8.05
C ARG B 33 6.97 0.64 7.13
N ASN B 34 6.92 0.39 5.85
CA ASN B 34 7.47 1.31 4.83
C ASN B 34 6.50 2.46 4.71
N SER B 35 6.92 3.60 5.23
CA SER B 35 6.02 4.74 5.36
C SER B 35 6.83 5.95 5.80
N LEU B 36 6.15 7.06 6.03
CA LEU B 36 6.80 8.28 6.42
C LEU B 36 7.23 8.22 7.86
N LEU B 37 6.71 7.33 8.65
CA LEU B 37 7.18 7.19 10.01
C LEU B 37 7.96 5.88 10.06
N ILE B 38 9.28 5.94 10.23
CA ILE B 38 10.13 4.71 10.32
C ILE B 38 10.39 4.36 11.80
N GLN B 39 9.89 3.23 12.24
CA GLN B 39 10.01 2.82 13.64
C GLN B 39 9.86 1.33 13.69
N VAL B 40 10.22 0.72 14.81
CA VAL B 40 10.03 -0.70 15.01
C VAL B 40 8.80 -0.90 15.87
N VAL B 41 7.85 -1.72 15.40
CA VAL B 41 6.67 -2.02 16.15
C VAL B 41 6.62 -3.52 16.45
N LYS B 42 6.43 -3.89 17.72
CA LYS B 42 6.24 -5.29 18.05
C LYS B 42 4.84 -5.70 17.80
N VAL B 43 4.61 -6.75 17.03
CA VAL B 43 3.25 -7.12 16.65
C VAL B 43 2.78 -8.47 17.23
N ILE B 44 3.66 -9.42 17.44
CA ILE B 44 3.28 -10.69 18.05
C ILE B 44 4.26 -11.13 19.12
N ASN B 45 3.73 -11.51 20.28
CA ASN B 45 4.57 -12.07 21.34
C ASN B 45 4.70 -13.57 21.19
N ASN B 46 5.23 -13.98 20.04
CA ASN B 46 5.32 -15.35 19.63
C ASN B 46 6.21 -15.45 18.39
N PHE B 47 6.39 -16.69 17.89
CA PHE B 47 7.32 -16.98 16.78
C PHE B 47 8.74 -16.52 17.06
N GLY B 48 9.11 -16.54 18.35
CA GLY B 48 10.43 -16.03 18.77
C GLY B 48 11.29 -17.05 19.50
N TYR B 49 12.61 -16.84 19.52
CA TYR B 49 13.47 -17.74 20.25
C TYR B 49 13.00 -17.86 21.73
N ASP B 50 12.81 -16.69 22.37
CA ASP B 50 12.37 -16.64 23.79
C ASP B 50 10.85 -16.43 23.90
N ALA B 51 10.12 -16.38 22.78
CA ALA B 51 8.67 -16.25 22.81
C ALA B 51 8.05 -17.41 22.00
N GLY B 52 7.91 -18.56 22.65
CA GLY B 52 7.41 -19.73 21.96
C GLY B 52 8.36 -20.86 21.71
N GLY B 53 9.62 -20.66 22.06
CA GLY B 53 10.65 -21.66 21.80
C GLY B 53 10.98 -21.93 20.33
N TRP B 54 10.91 -20.90 19.49
CA TRP B 54 11.19 -21.09 18.06
C TRP B 54 12.69 -21.19 17.81
N ARG B 55 13.06 -22.15 16.96
CA ARG B 55 14.43 -22.51 16.64
C ARG B 55 14.65 -22.58 15.12
N VAL B 56 15.69 -21.91 14.64
CA VAL B 56 16.05 -21.93 13.22
C VAL B 56 16.38 -23.37 12.77
N GLU B 57 16.88 -24.18 13.71
CA GLU B 57 17.27 -25.55 13.34
C GLU B 57 16.12 -26.53 13.36
N LYS B 58 14.94 -26.12 13.81
CA LYS B 58 13.77 -26.99 13.85
C LYS B 58 12.50 -26.48 13.22
N HIS B 59 12.35 -25.15 13.06
CA HIS B 59 11.09 -24.55 12.71
C HIS B 59 11.32 -23.59 11.53
N VAL B 60 10.25 -23.24 10.83
CA VAL B 60 10.31 -22.39 9.60
C VAL B 60 9.31 -21.28 9.79
N ARG B 61 9.74 -20.04 9.55
CA ARG B 61 8.91 -18.88 9.79
C ARG B 61 8.89 -18.06 8.46
N LEU B 62 7.66 -17.80 7.96
CA LEU B 62 7.40 -17.10 6.70
C LEU B 62 6.29 -16.07 6.84
N LEU B 63 6.16 -15.25 5.81
CA LEU B 63 5.02 -14.36 5.62
C LEU B 63 4.30 -14.79 4.36
N ALA B 64 2.99 -14.92 4.45
CA ALA B 64 2.26 -15.31 3.24
C ALA B 64 0.80 -14.97 3.38
N ASP B 65 0.18 -14.58 2.29
CA ASP B 65 -1.25 -14.29 2.26
C ASP B 65 -2.10 -15.55 2.27
N THR B 66 -2.55 -15.95 3.46
CA THR B 66 -3.36 -17.08 3.61
C THR B 66 -4.87 -16.78 3.53
N THR B 67 -5.25 -15.51 3.55
CA THR B 67 -6.69 -15.19 3.53
C THR B 67 -7.22 -14.65 2.22
N GLY B 68 -6.35 -14.14 1.36
CA GLY B 68 -6.76 -13.65 0.06
C GLY B 68 -6.90 -12.14 -0.02
N ASP B 69 -6.58 -11.43 1.06
CA ASP B 69 -6.77 -9.97 1.06
C ASP B 69 -5.51 -9.14 0.72
N ASN B 70 -4.48 -9.80 0.22
CA ASN B 70 -3.23 -9.18 -0.13
C ASN B 70 -2.52 -8.53 1.04
N GLN B 71 -2.81 -9.02 2.24
CA GLN B 71 -2.05 -8.61 3.40
C GLN B 71 -1.46 -9.84 4.09
N PRO B 72 -0.22 -10.19 3.74
CA PRO B 72 0.39 -11.39 4.29
C PRO B 72 0.32 -11.59 5.84
N ASP B 73 0.11 -12.83 6.17
CA ASP B 73 -0.01 -13.29 7.55
C ASP B 73 1.31 -13.88 7.97
N VAL B 74 1.48 -14.08 9.26
CA VAL B 74 2.66 -14.77 9.79
C VAL B 74 2.37 -16.25 9.88
N VAL B 75 3.26 -17.06 9.34
CA VAL B 75 3.06 -18.52 9.23
C VAL B 75 4.34 -19.17 9.73
N GLY B 76 4.19 -19.94 10.78
CA GLY B 76 5.30 -20.69 11.34
C GLY B 76 5.01 -22.20 11.38
N PHE B 77 5.96 -22.97 10.82
CA PHE B 77 6.00 -24.41 10.91
C PHE B 77 6.70 -24.75 12.20
N GLY B 78 5.92 -24.99 13.21
CA GLY B 78 6.47 -25.16 14.58
C GLY B 78 6.73 -26.59 14.99
N GLU B 79 6.58 -26.88 16.28
CA GLU B 79 6.87 -28.18 16.81
C GLU B 79 5.81 -29.20 16.47
N ASN B 80 4.55 -28.86 16.68
CA ASN B 80 3.45 -29.86 16.50
C ASN B 80 2.47 -29.47 15.43
N GLY B 81 2.79 -28.47 14.63
CA GLY B 81 1.93 -28.10 13.55
C GLY B 81 2.24 -26.72 12.99
N VAL B 82 1.31 -26.24 12.19
CA VAL B 82 1.47 -24.97 11.49
C VAL B 82 0.64 -23.94 12.23
N TRP B 83 1.30 -22.87 12.66
CA TRP B 83 0.69 -21.81 13.42
C TRP B 83 0.58 -20.52 12.60
N ILE B 84 -0.60 -19.89 12.63
CA ILE B 84 -0.79 -18.62 11.90
C ILE B 84 -1.32 -17.51 12.77
N SER B 85 -0.69 -16.36 12.63
CA SER B 85 -1.23 -15.08 13.10
C SER B 85 -1.61 -14.27 11.88
N THR B 86 -2.90 -13.99 11.72
CA THR B 86 -3.35 -13.21 10.56
C THR B 86 -3.12 -11.70 10.78
N ASN B 87 -2.93 -11.04 9.64
CA ASN B 87 -2.70 -9.64 9.49
C ASN B 87 -4.02 -8.85 9.66
N ASN B 88 -4.08 -7.95 10.65
CA ASN B 88 -5.31 -7.21 10.85
C ASN B 88 -5.52 -6.04 9.94
N GLY B 89 -4.55 -5.74 9.09
CA GLY B 89 -4.69 -4.60 8.19
C GLY B 89 -4.28 -3.22 8.72
N ASN B 90 -3.97 -3.14 10.02
CA ASN B 90 -3.66 -1.90 10.67
C ASN B 90 -2.34 -1.86 11.49
N ASN B 91 -1.30 -2.59 11.06
CA ASN B 91 -0.04 -2.77 11.78
C ASN B 91 -0.23 -3.54 13.09
N THR B 92 -1.24 -4.38 13.15
CA THR B 92 -1.40 -5.38 14.25
C THR B 92 -1.65 -6.75 13.60
N PHE B 93 -1.44 -7.82 14.38
CA PHE B 93 -1.62 -9.18 13.95
C PHE B 93 -2.27 -9.92 15.10
N VAL B 94 -3.02 -10.98 14.78
CA VAL B 94 -3.68 -11.79 15.79
C VAL B 94 -2.64 -12.39 16.70
N ASP B 95 -2.87 -12.31 18.00
CA ASP B 95 -1.95 -12.83 18.98
C ASP B 95 -2.82 -13.31 20.16
N PRO B 96 -2.76 -14.60 20.51
CA PRO B 96 -1.82 -15.58 19.97
C PRO B 96 -2.22 -16.17 18.64
N PRO B 97 -1.28 -16.90 17.99
CA PRO B 97 -1.55 -17.55 16.73
C PRO B 97 -2.38 -18.80 16.91
N LYS B 98 -2.95 -19.27 15.82
N LYS B 98 -2.92 -19.29 15.82
CA LYS B 98 -3.78 -20.47 15.85
CA LYS B 98 -3.77 -20.48 15.89
C LYS B 98 -3.09 -21.61 15.15
C LYS B 98 -3.11 -21.62 15.14
N MET B 99 -3.26 -22.81 15.70
CA MET B 99 -2.75 -24.00 15.07
C MET B 99 -3.72 -24.56 14.03
N VAL B 100 -3.37 -24.46 12.74
CA VAL B 100 -4.30 -24.71 11.66
C VAL B 100 -4.16 -26.09 11.07
N LEU B 101 -3.04 -26.75 11.31
CA LEU B 101 -2.77 -28.08 10.75
C LEU B 101 -1.67 -28.82 11.48
N ALA B 102 -2.01 -30.02 11.99
CA ALA B 102 -1.05 -30.85 12.68
C ALA B 102 -0.24 -31.69 11.68
N ASN B 103 0.56 -30.98 10.86
CA ASN B 103 1.48 -31.64 9.91
C ASN B 103 2.57 -30.62 9.49
N PHE B 104 3.46 -31.04 8.61
CA PHE B 104 4.54 -30.18 8.18
C PHE B 104 5.40 -29.69 9.35
N ALA B 105 5.39 -30.48 10.42
CA ALA B 105 6.05 -30.04 11.66
C ALA B 105 7.06 -31.09 12.17
N TYR B 106 7.92 -30.64 13.04
CA TYR B 106 9.00 -31.46 13.56
C TYR B 106 8.46 -32.77 14.24
N ALA B 107 7.36 -32.64 14.95
CA ALA B 107 6.77 -33.74 15.74
C ALA B 107 5.40 -34.09 15.20
N ALA B 108 5.07 -33.54 14.03
CA ALA B 108 3.92 -33.96 13.29
C ALA B 108 4.22 -34.11 11.80
N GLY B 109 4.53 -35.35 11.40
CA GLY B 109 5.04 -35.64 10.08
C GLY B 109 6.53 -35.80 9.94
N GLY B 110 7.27 -35.56 11.03
CA GLY B 110 8.72 -35.75 11.05
C GLY B 110 9.53 -34.86 10.10
N TRP B 111 9.11 -33.61 9.97
CA TRP B 111 9.80 -32.65 9.11
C TRP B 111 11.06 -32.12 9.76
N ARG B 112 12.10 -31.97 8.96
CA ARG B 112 13.45 -31.64 9.38
C ARG B 112 14.02 -30.55 8.49
N VAL B 113 14.53 -29.49 9.12
CA VAL B 113 15.23 -28.42 8.37
C VAL B 113 16.38 -28.96 7.51
N GLU B 114 17.10 -29.96 8.02
CA GLU B 114 18.26 -30.48 7.30
C GLU B 114 17.90 -31.52 6.18
N LYS B 115 16.60 -31.84 6.00
CA LYS B 115 16.15 -32.78 4.98
C LYS B 115 15.06 -32.27 4.03
N HIS B 116 14.28 -31.29 4.48
CA HIS B 116 13.01 -30.95 3.81
C HIS B 116 12.87 -29.45 3.58
N ILE B 117 11.93 -29.09 2.70
CA ILE B 117 11.70 -27.73 2.35
C ILE B 117 10.25 -27.45 2.55
N ARG B 118 9.95 -26.34 3.19
CA ARG B 118 8.58 -25.94 3.35
C ARG B 118 8.34 -24.51 2.87
N PHE B 119 7.34 -24.37 2.02
CA PHE B 119 6.97 -23.10 1.46
C PHE B 119 5.46 -22.88 1.64
N MET B 120 5.03 -21.64 1.47
CA MET B 120 3.61 -21.24 1.32
C MET B 120 3.50 -20.68 -0.14
N ALA B 121 2.53 -21.17 -0.92
CA ALA B 121 2.40 -20.74 -2.31
C ALA B 121 0.99 -20.89 -2.78
N ASP B 122 0.57 -19.91 -3.59
CA ASP B 122 -0.75 -19.92 -4.21
C ASP B 122 -0.65 -20.82 -5.41
N LEU B 123 -0.79 -22.12 -5.17
CA LEU B 123 -0.62 -23.13 -6.22
C LEU B 123 -1.85 -23.38 -7.12
N ARG B 124 -3.00 -22.79 -6.79
CA ARG B 124 -4.24 -23.03 -7.56
C ARG B 124 -4.83 -21.71 -8.13
N LYS B 125 -4.05 -20.63 -8.08
CA LYS B 125 -4.53 -19.24 -8.29
C LYS B 125 -5.86 -18.97 -7.63
N THR B 126 -5.96 -19.25 -6.34
CA THR B 126 -7.13 -18.88 -5.56
C THR B 126 -6.98 -17.51 -4.89
N GLY B 127 -5.78 -16.95 -4.94
CA GLY B 127 -5.42 -15.76 -4.18
C GLY B 127 -4.98 -16.07 -2.76
N ARG B 128 -5.04 -17.35 -2.35
CA ARG B 128 -4.62 -17.79 -1.01
C ARG B 128 -3.45 -18.76 -1.12
N ALA B 129 -2.57 -18.73 -0.13
CA ALA B 129 -1.41 -19.63 -0.15
C ALA B 129 -1.75 -20.96 0.49
N ASP B 130 -1.51 -22.00 -0.29
CA ASP B 130 -1.48 -23.39 0.16
C ASP B 130 -0.11 -23.70 0.79
N ILE B 131 -0.10 -24.68 1.70
CA ILE B 131 1.12 -25.16 2.28
C ILE B 131 1.73 -26.17 1.32
N VAL B 132 3.03 -26.07 1.06
CA VAL B 132 3.68 -26.94 0.11
C VAL B 132 4.95 -27.46 0.74
N GLY B 133 5.16 -28.77 0.76
CA GLY B 133 6.42 -29.28 1.32
C GLY B 133 7.10 -30.32 0.50
N PHE B 134 8.43 -30.20 0.36
CA PHE B 134 9.24 -31.27 -0.21
C PHE B 134 9.76 -32.10 0.92
N GLY B 135 9.16 -33.27 1.09
CA GLY B 135 9.39 -34.12 2.26
C GLY B 135 10.13 -35.33 1.83
N ASP B 136 9.80 -36.49 2.43
CA ASP B 136 10.51 -37.73 2.17
C ASP B 136 9.95 -38.37 0.88
N GLY B 137 8.65 -38.69 0.88
CA GLY B 137 8.01 -39.39 -0.24
C GLY B 137 7.85 -38.60 -1.55
N GLY B 138 7.94 -37.30 -1.45
CA GLY B 138 7.77 -36.38 -2.57
C GLY B 138 7.26 -35.04 -2.04
N ILE B 139 6.40 -34.40 -2.82
CA ILE B 139 5.84 -33.10 -2.53
C ILE B 139 4.48 -33.29 -1.98
N TYR B 140 4.21 -32.63 -0.84
CA TYR B 140 2.90 -32.67 -0.21
C TYR B 140 2.30 -31.30 -0.20
N ILE B 141 0.97 -31.23 -0.41
CA ILE B 141 0.23 -30.00 -0.35
C ILE B 141 -0.96 -30.16 0.59
N SER B 142 -1.17 -29.10 1.35
CA SER B 142 -2.43 -28.84 2.03
C SER B 142 -3.12 -27.62 1.44
N ARG B 143 -4.33 -27.87 0.98
CA ARG B 143 -5.18 -26.90 0.30
C ARG B 143 -5.68 -25.90 1.31
N ASN B 144 -5.40 -24.64 1.03
CA ASN B 144 -6.01 -23.56 1.82
C ASN B 144 -7.43 -23.29 1.33
N ASN B 145 -8.41 -23.71 2.13
CA ASN B 145 -9.83 -23.53 1.70
C ASN B 145 -10.45 -22.22 2.19
N GLY B 146 -9.65 -21.33 2.79
CA GLY B 146 -10.18 -20.08 3.29
C GLY B 146 -10.65 -20.21 4.73
N GLY B 147 -10.67 -19.09 5.43
CA GLY B 147 -11.17 -19.03 6.81
C GLY B 147 -10.29 -19.74 7.79
N GLY B 148 -9.01 -19.88 7.43
CA GLY B 148 -8.06 -20.60 8.24
C GLY B 148 -8.25 -22.11 8.21
N GLN B 149 -8.97 -22.58 7.18
CA GLN B 149 -9.28 -24.01 7.02
C GLN B 149 -8.30 -24.58 5.99
N PHE B 150 -7.40 -25.41 6.51
CA PHE B 150 -6.47 -26.13 5.67
C PHE B 150 -6.85 -27.58 5.65
N ALA B 151 -6.93 -28.14 4.45
CA ALA B 151 -7.31 -29.55 4.31
C ALA B 151 -6.16 -30.50 4.68
N PRO B 152 -6.49 -31.76 5.01
CA PRO B 152 -5.39 -32.70 5.23
C PRO B 152 -4.42 -32.71 4.06
N ALA B 153 -3.13 -32.84 4.36
CA ALA B 153 -2.09 -32.90 3.34
C ALA B 153 -2.32 -34.07 2.38
N GLN B 154 -2.00 -33.91 1.10
CA GLN B 154 -2.05 -34.97 0.13
C GLN B 154 -0.79 -34.93 -0.70
N LEU B 155 -0.35 -36.10 -1.21
CA LEU B 155 0.81 -36.20 -2.06
C LEU B 155 0.48 -35.53 -3.38
N ALA B 156 1.22 -34.51 -3.74
CA ALA B 156 1.08 -33.85 -5.03
C ALA B 156 1.83 -34.54 -6.13
N LEU B 157 2.98 -35.08 -5.77
CA LEU B 157 3.81 -35.85 -6.66
C LEU B 157 4.84 -36.63 -5.88
N ASN B 158 5.06 -37.88 -6.27
CA ASN B 158 6.09 -38.73 -5.68
C ASN B 158 7.45 -38.52 -6.31
N ASN B 159 7.93 -37.29 -6.28
CA ASN B 159 9.25 -36.95 -6.75
C ASN B 159 9.73 -35.68 -6.04
N PHE B 160 11.02 -35.39 -6.21
CA PHE B 160 11.70 -34.24 -5.59
C PHE B 160 11.72 -34.35 -4.06
N GLY B 161 11.59 -35.58 -3.59
CA GLY B 161 11.60 -35.91 -2.16
C GLY B 161 12.93 -36.54 -1.73
N TYR B 162 13.14 -36.66 -0.41
CA TYR B 162 14.34 -37.26 0.10
C TYR B 162 14.51 -38.70 -0.41
N ALA B 163 13.38 -39.38 -0.50
CA ALA B 163 13.35 -40.77 -0.91
C ALA B 163 13.76 -40.93 -2.37
N GLN B 164 13.70 -39.86 -3.16
CA GLN B 164 14.17 -39.89 -4.56
C GLN B 164 15.56 -39.31 -4.78
N GLY B 165 16.29 -39.19 -3.69
CA GLY B 165 17.67 -38.77 -3.69
C GLY B 165 17.92 -37.29 -3.45
N TRP B 166 16.85 -36.50 -3.29
CA TRP B 166 17.02 -35.05 -3.13
C TRP B 166 17.70 -34.70 -1.80
N ARG B 167 18.74 -33.88 -1.88
CA ARG B 167 19.59 -33.50 -0.80
C ARG B 167 19.88 -31.96 -0.79
N LEU B 168 19.77 -31.36 0.38
CA LEU B 168 20.00 -29.92 0.52
C LEU B 168 21.44 -29.54 0.24
N ASP B 169 22.40 -30.45 0.44
CA ASP B 169 23.80 -30.10 0.20
C ASP B 169 24.27 -30.40 -1.24
N ARG B 170 23.35 -30.89 -2.08
CA ARG B 170 23.61 -31.17 -3.48
C ARG B 170 22.70 -30.49 -4.50
N HIS B 171 21.44 -30.28 -4.13
CA HIS B 171 20.40 -29.96 -5.11
C HIS B 171 19.60 -28.70 -4.66
N LEU B 172 18.85 -28.17 -5.62
CA LEU B 172 18.02 -26.95 -5.44
C LEU B 172 16.60 -27.21 -5.94
N ARG B 173 15.64 -26.64 -5.23
CA ARG B 173 14.25 -26.76 -5.60
C ARG B 173 13.56 -25.43 -5.46
N PHE B 174 12.76 -25.12 -6.48
CA PHE B 174 12.10 -23.84 -6.67
C PHE B 174 10.66 -24.08 -7.11
N LEU B 175 9.85 -23.05 -6.95
CA LEU B 175 8.50 -22.99 -7.55
C LEU B 175 8.46 -21.75 -8.45
N ALA B 176 8.07 -21.96 -9.70
CA ALA B 176 8.16 -20.91 -10.74
C ALA B 176 7.38 -21.33 -11.98
N ASP B 177 6.67 -20.37 -12.58
CA ASP B 177 5.89 -20.62 -13.72
C ASP B 177 6.83 -20.72 -14.90
N VAL B 178 7.04 -21.96 -15.37
CA VAL B 178 7.81 -22.24 -16.62
C VAL B 178 6.97 -22.42 -17.91
N THR B 179 5.63 -22.34 -17.81
CA THR B 179 4.74 -22.54 -18.99
C THR B 179 3.95 -21.30 -19.44
N GLY B 180 3.75 -20.33 -18.55
CA GLY B 180 2.96 -19.11 -18.86
C GLY B 180 1.50 -19.11 -18.43
N ASP B 181 1.04 -20.24 -17.89
CA ASP B 181 -0.34 -20.29 -17.44
C ASP B 181 -0.54 -19.64 -16.09
N GLY B 182 0.53 -19.13 -15.50
CA GLY B 182 0.41 -18.40 -14.24
C GLY B 182 0.40 -19.37 -13.05
N LEU B 183 0.52 -20.66 -13.30
CA LEU B 183 0.59 -21.61 -12.20
C LEU B 183 2.08 -21.90 -11.91
N LEU B 184 2.45 -21.86 -10.65
CA LEU B 184 3.82 -22.19 -10.33
C LEU B 184 4.05 -23.67 -10.54
N ASP B 185 5.09 -24.01 -11.30
CA ASP B 185 5.57 -25.35 -11.52
C ASP B 185 6.78 -25.65 -10.63
N VAL B 186 7.13 -26.93 -10.50
CA VAL B 186 8.39 -27.28 -9.82
C VAL B 186 9.57 -27.16 -10.77
N VAL B 187 10.63 -26.54 -10.28
CA VAL B 187 11.93 -26.59 -10.95
C VAL B 187 12.95 -27.13 -9.98
N GLY B 188 13.55 -28.27 -10.33
CA GLY B 188 14.56 -28.85 -9.47
C GLY B 188 15.89 -29.09 -10.19
N PHE B 189 16.98 -28.59 -9.58
CA PHE B 189 18.36 -28.84 -10.06
C PHE B 189 18.80 -30.07 -9.31
N GLY B 190 18.62 -31.21 -9.95
CA GLY B 190 18.94 -32.51 -9.34
C GLY B 190 20.39 -32.93 -9.49
N GLU B 191 20.59 -34.23 -9.36
CA GLU B 191 21.93 -34.82 -9.43
C GLU B 191 22.52 -34.66 -10.86
N ASN B 192 21.75 -35.02 -11.87
CA ASN B 192 22.27 -35.06 -13.26
C ASN B 192 21.49 -34.24 -14.25
N GLN B 193 20.36 -33.70 -13.84
CA GLN B 193 19.52 -32.91 -14.69
C GLN B 193 18.78 -31.83 -13.93
N VAL B 194 18.50 -30.72 -14.60
CA VAL B 194 17.38 -29.84 -14.18
C VAL B 194 16.07 -30.42 -14.71
N TYR B 195 15.11 -30.62 -13.79
CA TYR B 195 13.77 -31.14 -14.09
C TYR B 195 12.72 -30.10 -13.83
N ILE B 196 11.60 -30.21 -14.54
CA ILE B 196 10.43 -29.49 -14.21
C ILE B 196 9.31 -30.47 -13.98
N ALA B 197 8.27 -29.97 -13.33
CA ALA B 197 7.07 -30.71 -13.12
C ALA B 197 5.89 -29.71 -13.17
N ARG B 198 4.98 -29.98 -14.08
CA ARG B 198 3.96 -29.04 -14.41
C ARG B 198 2.80 -29.11 -13.45
N ASN B 199 2.41 -27.95 -12.96
CA ASN B 199 1.31 -27.79 -12.08
C ASN B 199 0.02 -28.05 -12.86
N SER B 200 -0.79 -28.97 -12.34
CA SER B 200 -2.10 -29.32 -12.92
C SER B 200 -3.22 -28.35 -12.54
N GLY B 201 -2.95 -27.53 -11.54
CA GLY B 201 -3.95 -26.62 -10.99
C GLY B 201 -4.83 -27.33 -9.95
N ASN B 202 -4.60 -28.63 -9.75
CA ASN B 202 -5.42 -29.47 -8.88
C ASN B 202 -4.71 -30.00 -7.67
N GLY B 203 -3.72 -29.25 -7.21
CA GLY B 203 -2.94 -29.66 -6.07
C GLY B 203 -2.02 -30.84 -6.43
N THR B 204 -1.70 -31.00 -7.72
CA THR B 204 -0.73 -31.99 -8.13
C THR B 204 0.14 -31.43 -9.18
N PHE B 205 1.24 -32.14 -9.39
CA PHE B 205 2.19 -31.88 -10.43
C PHE B 205 2.32 -33.11 -11.32
N GLN B 206 2.45 -32.85 -12.62
N GLN B 206 2.50 -32.87 -12.61
CA GLN B 206 2.68 -33.86 -13.64
CA GLN B 206 2.60 -33.94 -13.56
C GLN B 206 4.08 -34.46 -13.41
C GLN B 206 4.05 -34.43 -13.47
N PRO B 207 4.33 -35.68 -13.89
CA PRO B 207 5.67 -36.29 -13.69
C PRO B 207 6.84 -35.44 -14.10
N ALA B 208 7.97 -35.58 -13.39
CA ALA B 208 9.17 -34.80 -13.67
C ALA B 208 9.59 -35.00 -15.14
N GLN B 209 10.06 -33.93 -15.75
CA GLN B 209 10.65 -33.93 -17.10
C GLN B 209 12.03 -33.30 -17.06
N ALA B 210 13.06 -34.03 -17.50
CA ALA B 210 14.39 -33.50 -17.57
C ALA B 210 14.40 -32.44 -18.69
N VAL B 211 14.96 -31.26 -18.40
CA VAL B 211 14.98 -30.16 -19.37
C VAL B 211 16.37 -29.64 -19.74
N VAL B 212 17.32 -29.74 -18.82
CA VAL B 212 18.66 -29.24 -19.04
C VAL B 212 19.69 -30.17 -18.38
N ASN B 213 20.66 -30.61 -19.17
CA ASN B 213 21.68 -31.50 -18.64
C ASN B 213 22.90 -30.68 -18.29
N ASN B 214 22.68 -29.78 -17.32
CA ASN B 214 23.67 -28.81 -16.85
C ASN B 214 23.21 -28.22 -15.52
N PHE B 215 24.02 -27.33 -14.94
CA PHE B 215 23.69 -26.58 -13.73
C PHE B 215 23.52 -27.50 -12.51
N CYS B 216 24.07 -28.70 -12.58
CA CYS B 216 23.91 -29.68 -11.48
C CYS B 216 25.27 -30.21 -11.09
N ILE B 217 25.34 -30.77 -9.90
CA ILE B 217 26.56 -31.26 -9.36
C ILE B 217 27.12 -32.36 -10.25
N GLY B 218 26.25 -33.22 -10.78
CA GLY B 218 26.69 -34.29 -11.65
C GLY B 218 26.71 -33.91 -13.13
N ALA B 219 26.38 -32.68 -13.47
CA ALA B 219 26.31 -32.20 -14.89
C ALA B 219 26.84 -30.78 -14.89
N GLY B 220 28.15 -30.69 -15.00
CA GLY B 220 28.85 -29.42 -14.95
C GLY B 220 29.56 -29.11 -13.67
N GLY B 221 29.42 -29.96 -12.66
CA GLY B 221 30.15 -29.74 -11.43
C GLY B 221 29.70 -28.53 -10.63
N TRP B 222 28.41 -28.23 -10.70
CA TRP B 222 27.83 -27.13 -9.94
C TRP B 222 27.60 -27.55 -8.47
N THR B 223 28.13 -26.80 -7.53
CA THR B 223 28.10 -27.17 -6.10
C THR B 223 27.33 -26.08 -5.36
N ILE B 224 26.75 -26.49 -4.24
CA ILE B 224 25.96 -25.64 -3.35
C ILE B 224 26.90 -24.65 -2.65
N SER B 225 28.11 -25.10 -2.32
CA SER B 225 29.06 -24.22 -1.62
C SER B 225 29.76 -23.20 -2.51
N ALA B 226 29.71 -23.34 -3.82
CA ALA B 226 30.42 -22.35 -4.69
C ALA B 226 29.65 -21.76 -5.86
N HIS B 227 28.56 -22.41 -6.32
CA HIS B 227 27.94 -22.02 -7.57
C HIS B 227 26.39 -21.79 -7.49
N PRO B 228 25.97 -20.65 -6.97
CA PRO B 228 24.51 -20.41 -6.83
C PRO B 228 23.76 -20.33 -8.14
N ARG B 229 22.51 -20.75 -8.11
CA ARG B 229 21.67 -20.80 -9.28
C ARG B 229 20.35 -20.12 -8.94
N VAL B 230 19.81 -19.39 -9.91
CA VAL B 230 18.47 -18.79 -9.67
C VAL B 230 17.52 -19.13 -10.82
N VAL B 231 16.24 -19.00 -10.56
CA VAL B 231 15.24 -19.11 -11.60
C VAL B 231 14.55 -17.75 -11.62
N ALA B 232 14.51 -17.11 -12.82
CA ALA B 232 13.98 -15.79 -12.96
C ALA B 232 13.73 -15.50 -14.45
N ASP B 233 12.79 -14.61 -14.72
CA ASP B 233 12.36 -14.29 -16.08
C ASP B 233 13.40 -13.34 -16.59
N LEU B 234 14.16 -13.80 -17.57
CA LEU B 234 15.22 -12.98 -18.18
C LEU B 234 14.81 -12.27 -19.48
N THR B 235 13.62 -12.55 -19.99
CA THR B 235 13.20 -12.07 -21.32
C THR B 235 11.92 -11.19 -21.31
N GLY B 236 11.14 -11.21 -20.24
CA GLY B 236 9.96 -10.33 -20.19
C GLY B 236 8.68 -10.99 -20.56
N ASP B 237 8.68 -12.27 -20.89
CA ASP B 237 7.41 -12.90 -21.21
C ASP B 237 6.75 -13.60 -20.00
N ARG B 238 7.23 -13.34 -18.79
CA ARG B 238 6.65 -13.95 -17.55
C ARG B 238 6.86 -15.47 -17.41
N LYS B 239 7.70 -16.03 -18.27
CA LYS B 239 8.10 -17.44 -18.19
C LYS B 239 9.51 -17.54 -17.65
N ALA B 240 9.70 -18.33 -16.61
CA ALA B 240 11.03 -18.38 -15.95
C ALA B 240 12.13 -19.02 -16.78
N ASP B 241 13.28 -18.38 -16.71
CA ASP B 241 14.56 -18.86 -17.24
C ASP B 241 15.51 -19.27 -16.12
N ILE B 242 16.64 -19.84 -16.54
CA ILE B 242 17.64 -20.37 -15.61
C ILE B 242 18.90 -19.54 -15.71
N LEU B 243 19.39 -19.14 -14.54
CA LEU B 243 20.67 -18.45 -14.46
C LEU B 243 21.50 -19.11 -13.37
N GLY B 244 22.78 -19.32 -13.69
CA GLY B 244 23.75 -19.79 -12.75
C GLY B 244 25.00 -18.94 -12.63
N PHE B 245 25.46 -18.76 -11.40
CA PHE B 245 26.77 -18.15 -11.20
C PHE B 245 27.84 -19.25 -11.07
N GLY B 246 28.53 -19.49 -12.18
CA GLY B 246 29.49 -20.61 -12.30
C GLY B 246 30.92 -20.21 -12.03
N VAL B 247 31.86 -21.00 -12.57
CA VAL B 247 33.30 -20.73 -12.38
C VAL B 247 33.75 -19.55 -13.26
N ALA B 248 33.46 -19.62 -14.55
CA ALA B 248 33.93 -18.58 -15.49
C ALA B 248 33.06 -17.33 -15.48
N GLY B 249 31.84 -17.49 -15.01
CA GLY B 249 30.90 -16.37 -14.94
C GLY B 249 29.46 -16.84 -14.91
N VAL B 250 28.59 -16.06 -15.51
CA VAL B 250 27.16 -16.30 -15.54
C VAL B 250 26.74 -17.10 -16.75
N TYR B 251 26.10 -18.23 -16.47
CA TYR B 251 25.51 -19.05 -17.49
C TYR B 251 23.96 -18.98 -17.41
N THR B 252 23.33 -19.04 -18.57
CA THR B 252 21.88 -19.07 -18.68
C THR B 252 21.38 -20.18 -19.60
N SER B 253 20.16 -20.65 -19.33
CA SER B 253 19.37 -21.42 -20.28
C SER B 253 18.02 -20.77 -20.38
N LEU B 254 17.69 -20.27 -21.58
CA LEU B 254 16.39 -19.62 -21.78
C LEU B 254 15.27 -20.61 -22.10
N ASN B 255 14.13 -20.40 -21.43
CA ASN B 255 12.86 -21.07 -21.75
C ASN B 255 12.56 -20.90 -23.25
N ASN B 256 12.22 -22.00 -23.90
CA ASN B 256 11.78 -21.98 -25.29
C ASN B 256 10.36 -21.42 -25.40
N GLY B 257 9.64 -21.39 -24.27
CA GLY B 257 8.30 -20.79 -24.28
C GLY B 257 7.26 -21.77 -23.83
N ASN B 258 7.65 -23.04 -23.76
CA ASN B 258 6.71 -24.09 -23.43
C ASN B 258 7.14 -24.93 -22.23
N GLY B 259 8.14 -24.47 -21.49
CA GLY B 259 8.74 -25.26 -20.40
C GLY B 259 9.82 -26.21 -20.86
N THR B 260 10.23 -26.14 -22.13
CA THR B 260 11.49 -26.70 -22.54
C THR B 260 12.48 -25.56 -22.59
N PHE B 261 13.75 -25.91 -22.58
CA PHE B 261 14.83 -24.95 -22.39
C PHE B 261 15.93 -25.06 -23.44
N GLY B 262 16.53 -23.93 -23.74
CA GLY B 262 17.52 -23.87 -24.82
C GLY B 262 18.92 -24.19 -24.36
N ALA B 263 19.88 -23.97 -25.25
CA ALA B 263 21.31 -24.21 -24.97
C ALA B 263 21.83 -23.41 -23.77
N VAL B 264 22.85 -23.93 -23.11
CA VAL B 264 23.47 -23.25 -21.98
C VAL B 264 24.63 -22.46 -22.50
N ASN B 265 24.60 -21.17 -22.20
CA ASN B 265 25.57 -20.20 -22.68
C ASN B 265 26.14 -19.37 -21.55
N LEU B 266 27.47 -19.17 -21.61
CA LEU B 266 28.17 -18.21 -20.80
C LEU B 266 27.87 -16.83 -21.34
N VAL B 267 27.13 -16.04 -20.58
CA VAL B 267 26.69 -14.72 -21.05
C VAL B 267 27.43 -13.57 -20.45
N LEU B 268 28.16 -13.81 -19.38
CA LEU B 268 28.85 -12.71 -18.76
C LEU B 268 30.02 -13.20 -17.98
N LYS B 269 31.19 -12.61 -18.24
CA LYS B 269 32.41 -13.07 -17.63
C LYS B 269 32.67 -12.34 -16.33
N ASP B 270 31.71 -12.42 -15.41
CA ASP B 270 31.86 -11.82 -14.09
C ASP B 270 30.82 -12.50 -13.17
N PHE B 271 30.88 -12.20 -11.88
CA PHE B 271 30.00 -12.80 -10.85
C PHE B 271 30.26 -14.29 -10.57
N GLY B 272 31.35 -14.81 -11.18
CA GLY B 272 31.82 -16.20 -11.00
C GLY B 272 33.02 -16.34 -10.05
N VAL B 273 33.38 -17.59 -9.75
CA VAL B 273 34.52 -17.87 -8.88
C VAL B 273 35.78 -17.18 -9.40
N ASN B 274 35.94 -17.24 -10.73
CA ASN B 274 37.11 -16.63 -11.38
C ASN B 274 37.23 -15.12 -11.23
N SER B 275 36.14 -14.44 -10.88
CA SER B 275 36.15 -13.00 -10.64
C SER B 275 36.12 -12.69 -9.17
N GLY B 276 36.42 -13.70 -8.37
CA GLY B 276 36.57 -13.53 -6.95
C GLY B 276 35.35 -13.81 -6.10
N TRP B 277 34.25 -14.20 -6.72
CA TRP B 277 33.01 -14.37 -5.98
C TRP B 277 32.99 -15.66 -5.17
N ARG B 278 32.56 -15.55 -3.91
CA ARG B 278 32.58 -16.64 -2.95
C ARG B 278 31.28 -16.58 -2.17
N VAL B 279 30.58 -17.72 -2.16
CA VAL B 279 29.33 -17.83 -1.39
C VAL B 279 29.52 -17.38 0.07
N GLU B 280 30.67 -17.69 0.66
CA GLU B 280 30.98 -17.36 2.09
C GLU B 280 31.18 -15.88 2.34
N LYS B 281 31.44 -15.11 1.29
CA LYS B 281 31.71 -13.69 1.45
C LYS B 281 30.77 -12.72 0.72
N HIS B 282 30.03 -13.23 -0.27
CA HIS B 282 29.29 -12.38 -1.19
C HIS B 282 27.86 -12.88 -1.41
N VAL B 283 27.03 -11.94 -1.80
CA VAL B 283 25.59 -12.17 -2.09
C VAL B 283 25.31 -11.86 -3.58
N ARG B 284 24.67 -12.79 -4.28
CA ARG B 284 24.34 -12.62 -5.71
C ARG B 284 22.84 -12.88 -5.96
N CYS B 285 22.22 -11.94 -6.67
CA CYS B 285 20.76 -11.81 -6.79
C CYS B 285 20.40 -11.49 -8.24
N VAL B 286 19.18 -11.87 -8.63
CA VAL B 286 18.61 -11.43 -9.90
C VAL B 286 17.28 -10.74 -9.55
N SER B 287 17.14 -9.49 -10.00
N SER B 287 17.16 -9.45 -9.92
CA SER B 287 15.95 -8.71 -9.74
CA SER B 287 15.93 -8.70 -9.71
C SER B 287 15.76 -7.69 -10.83
C SER B 287 15.74 -7.71 -10.84
N SER B 288 14.56 -7.14 -10.95
CA SER B 288 14.30 -6.07 -11.94
C SER B 288 14.70 -4.72 -11.40
N LEU B 289 15.64 -4.07 -12.08
CA LEU B 289 16.16 -2.80 -11.66
C LEU B 289 15.78 -1.72 -12.66
N THR B 290 15.11 -2.10 -13.74
CA THR B 290 14.72 -1.14 -14.76
C THR B 290 13.29 -1.35 -15.23
N ASN B 291 12.82 -0.40 -16.04
CA ASN B 291 11.49 -0.48 -16.57
C ASN B 291 11.35 -1.60 -17.59
N LYS B 292 12.44 -2.26 -17.94
CA LYS B 292 12.35 -3.43 -18.77
C LYS B 292 11.72 -4.64 -18.06
N LYS B 293 11.67 -4.66 -16.72
CA LYS B 293 10.92 -5.71 -16.03
C LYS B 293 11.46 -7.08 -16.31
N VAL B 294 12.77 -7.22 -16.26
CA VAL B 294 13.44 -8.47 -16.50
C VAL B 294 14.50 -8.64 -15.45
N GLY B 295 15.09 -9.81 -15.36
CA GLY B 295 16.11 -10.06 -14.33
C GLY B 295 17.45 -9.41 -14.69
N ASP B 296 17.83 -8.42 -13.92
CA ASP B 296 19.19 -7.87 -13.93
C ASP B 296 20.01 -8.57 -12.87
N ILE B 297 21.34 -8.48 -12.96
CA ILE B 297 22.24 -9.13 -12.00
C ILE B 297 22.80 -8.12 -11.00
N ILE B 298 22.67 -8.43 -9.71
CA ILE B 298 23.21 -7.64 -8.63
C ILE B 298 24.09 -8.48 -7.71
N GLY B 299 25.33 -8.01 -7.47
CA GLY B 299 26.29 -8.74 -6.65
C GLY B 299 26.82 -7.85 -5.57
N PHE B 300 26.71 -8.33 -4.33
CA PHE B 300 27.34 -7.66 -3.21
C PHE B 300 28.76 -8.22 -3.07
N GLY B 301 29.73 -7.50 -3.63
CA GLY B 301 31.10 -8.00 -3.73
C GLY B 301 31.99 -7.45 -2.61
N ASP B 302 33.27 -7.30 -2.94
CA ASP B 302 34.25 -6.81 -1.99
C ASP B 302 34.18 -5.31 -1.82
N ALA B 303 34.32 -4.56 -2.92
CA ALA B 303 34.41 -3.07 -2.86
C ALA B 303 33.05 -2.38 -2.79
N GLY B 304 32.01 -3.11 -3.10
CA GLY B 304 30.63 -2.52 -3.16
C GLY B 304 29.65 -3.39 -3.91
N VAL B 305 28.57 -2.79 -4.41
CA VAL B 305 27.54 -3.49 -5.15
C VAL B 305 27.81 -3.35 -6.64
N TYR B 306 27.84 -4.48 -7.34
CA TYR B 306 28.04 -4.53 -8.77
C TYR B 306 26.79 -4.95 -9.45
N VAL B 307 26.52 -4.33 -10.61
CA VAL B 307 25.27 -4.55 -11.33
C VAL B 307 25.54 -4.68 -12.83
N ALA B 308 24.86 -5.63 -13.46
CA ALA B 308 24.88 -5.77 -14.91
C ALA B 308 23.44 -5.77 -15.35
N LEU B 309 23.10 -4.83 -16.22
CA LEU B 309 21.72 -4.69 -16.65
C LEU B 309 21.43 -5.56 -17.86
N ASN B 310 20.30 -6.25 -17.81
CA ASN B 310 19.73 -7.03 -18.89
C ASN B 310 19.24 -6.10 -20.01
N ASN B 311 19.67 -6.37 -21.25
CA ASN B 311 19.29 -5.55 -22.43
C ASN B 311 17.83 -5.76 -22.80
N GLY B 312 17.22 -6.80 -22.22
CA GLY B 312 15.81 -7.14 -22.43
C GLY B 312 15.59 -8.58 -22.90
N ASN B 313 16.66 -9.22 -23.35
CA ASN B 313 16.57 -10.51 -23.97
C ASN B 313 17.45 -11.52 -23.30
N GLY B 314 17.98 -11.19 -22.13
CA GLY B 314 18.84 -12.13 -21.40
C GLY B 314 20.34 -11.94 -21.66
N THR B 315 20.72 -10.97 -22.49
CA THR B 315 22.12 -10.63 -22.63
C THR B 315 22.35 -9.40 -21.78
N PHE B 316 23.57 -9.22 -21.34
CA PHE B 316 23.83 -8.26 -20.33
C PHE B 316 24.78 -7.21 -20.76
N GLY B 317 24.62 -6.03 -20.20
CA GLY B 317 25.54 -4.91 -20.37
C GLY B 317 26.76 -4.98 -19.45
N PRO B 318 27.58 -3.90 -19.43
CA PRO B 318 28.78 -3.94 -18.62
C PRO B 318 28.52 -3.91 -17.12
N VAL B 319 29.45 -4.50 -16.37
CA VAL B 319 29.34 -4.55 -14.90
C VAL B 319 29.81 -3.20 -14.40
N LYS B 320 28.99 -2.55 -13.57
CA LYS B 320 29.31 -1.27 -12.95
C LYS B 320 29.18 -1.39 -11.43
N ARG B 321 30.10 -0.81 -10.67
CA ARG B 321 29.99 -0.74 -9.20
C ARG B 321 29.10 0.44 -8.89
N VAL B 322 27.87 0.17 -8.46
CA VAL B 322 26.84 1.24 -8.35
C VAL B 322 26.89 1.98 -7.03
N ILE B 323 27.44 1.35 -6.01
CA ILE B 323 27.73 2.04 -4.77
C ILE B 323 28.89 1.34 -4.05
N ASP B 324 29.72 2.15 -3.42
CA ASP B 324 30.88 1.67 -2.71
C ASP B 324 30.51 1.37 -1.27
N ASN B 325 29.51 0.51 -1.09
CA ASN B 325 29.04 0.12 0.25
C ASN B 325 28.25 -1.20 0.11
N PHE B 326 27.80 -1.76 1.25
CA PHE B 326 27.19 -3.09 1.33
C PHE B 326 28.14 -4.22 0.94
N GLY B 327 29.42 -3.94 0.95
CA GLY B 327 30.42 -4.89 0.54
C GLY B 327 31.24 -5.49 1.66
N TYR B 328 31.95 -6.58 1.31
CA TYR B 328 32.86 -7.24 2.28
C TYR B 328 33.86 -6.22 2.86
N ASN B 329 34.36 -5.32 2.00
CA ASN B 329 35.30 -4.25 2.47
C ASN B 329 34.72 -3.27 3.46
N GLN B 330 33.40 -3.09 3.48
CA GLN B 330 32.73 -2.18 4.41
C GLN B 330 32.20 -2.93 5.64
N GLY B 331 32.66 -4.15 5.84
CA GLY B 331 32.39 -4.87 7.12
C GLY B 331 31.21 -5.80 6.98
N TRP B 332 30.64 -5.89 5.78
CA TRP B 332 29.43 -6.72 5.56
C TRP B 332 29.78 -8.20 5.48
N ARG B 333 29.09 -9.03 6.27
CA ARG B 333 29.36 -10.44 6.46
C ARG B 333 28.09 -11.29 6.25
N VAL B 334 28.23 -12.36 5.47
CA VAL B 334 27.09 -13.16 5.13
C VAL B 334 26.46 -13.77 6.35
N ASP B 335 27.26 -14.14 7.33
CA ASP B 335 26.72 -14.73 8.53
C ASP B 335 26.25 -13.71 9.56
N LYS B 336 26.25 -12.41 9.23
CA LYS B 336 25.74 -11.42 10.22
C LYS B 336 24.74 -10.36 9.72
N HIS B 337 24.79 -10.05 8.41
CA HIS B 337 24.21 -8.85 7.85
C HIS B 337 23.34 -9.13 6.62
N PRO B 338 22.09 -9.51 6.87
CA PRO B 338 21.23 -9.85 5.71
C PRO B 338 21.08 -8.66 4.78
N ARG B 339 21.16 -8.94 3.47
CA ARG B 339 21.00 -7.97 2.41
C ARG B 339 19.93 -8.47 1.44
N PHE B 340 19.05 -7.57 1.00
CA PHE B 340 17.98 -7.91 0.06
C PHE B 340 17.94 -6.88 -1.11
N VAL B 341 17.54 -7.33 -2.27
CA VAL B 341 17.23 -6.44 -3.39
C VAL B 341 15.72 -6.50 -3.57
N VAL B 342 15.06 -5.37 -3.37
CA VAL B 342 13.59 -5.29 -3.27
C VAL B 342 13.14 -3.87 -3.57
N ASP B 343 11.97 -3.73 -4.19
CA ASP B 343 11.34 -2.41 -4.32
C ASP B 343 10.85 -1.91 -2.97
N LEU B 344 11.47 -0.82 -2.53
CA LEU B 344 11.07 -0.08 -1.37
C LEU B 344 10.34 1.25 -1.62
N THR B 345 10.26 1.66 -2.90
CA THR B 345 9.79 2.96 -3.28
C THR B 345 8.52 3.01 -4.19
N GLY B 346 8.09 1.87 -4.72
CA GLY B 346 6.90 1.76 -5.51
C GLY B 346 7.01 2.10 -7.02
N ASP B 347 8.22 2.28 -7.55
CA ASP B 347 8.37 2.63 -8.98
C ASP B 347 8.62 1.38 -9.85
N GLY B 348 8.68 0.22 -9.24
CA GLY B 348 8.92 -1.00 -10.01
C GLY B 348 10.40 -1.29 -10.21
N CYS B 349 11.28 -0.48 -9.63
CA CYS B 349 12.71 -0.70 -9.80
C CYS B 349 13.28 -1.10 -8.44
N ALA B 350 13.84 -2.32 -8.36
CA ALA B 350 14.27 -2.81 -7.08
C ALA B 350 15.37 -1.94 -6.46
N ASP B 351 15.27 -1.82 -5.14
CA ASP B 351 16.24 -1.04 -4.32
C ASP B 351 17.11 -2.01 -3.48
N ILE B 352 17.92 -1.45 -2.56
CA ILE B 352 18.80 -2.20 -1.74
C ILE B 352 18.57 -1.92 -0.28
N VAL B 353 18.47 -2.96 0.49
CA VAL B 353 18.40 -2.79 1.92
C VAL B 353 19.31 -3.80 2.58
N GLY B 354 19.99 -3.39 3.66
CA GLY B 354 20.83 -4.26 4.44
C GLY B 354 20.67 -4.06 5.92
N PHE B 355 20.56 -5.16 6.66
CA PHE B 355 20.58 -5.11 8.13
C PHE B 355 22.05 -5.19 8.58
N GLY B 356 22.66 -4.04 8.84
CA GLY B 356 24.07 -3.95 9.15
C GLY B 356 24.41 -4.23 10.61
N GLU B 357 25.61 -3.78 11.00
CA GLU B 357 26.12 -4.09 12.34
C GLU B 357 25.33 -3.31 13.36
N ASN B 358 25.23 -2.01 13.12
CA ASN B 358 24.55 -1.08 14.04
C ASN B 358 23.30 -0.39 13.50
N SER B 359 23.14 -0.39 12.18
CA SER B 359 22.03 0.26 11.53
C SER B 359 21.47 -0.59 10.40
N VAL B 360 20.21 -0.31 10.06
CA VAL B 360 19.65 -0.80 8.84
C VAL B 360 19.95 0.30 7.84
N TRP B 361 20.46 -0.07 6.68
CA TRP B 361 20.86 0.85 5.60
C TRP B 361 20.15 0.57 4.32
N ALA B 362 19.92 1.60 3.51
CA ALA B 362 19.28 1.36 2.23
C ALA B 362 19.86 2.24 1.19
N CYS B 363 19.55 1.94 -0.04
CA CYS B 363 20.07 2.73 -1.14
C CYS B 363 19.13 2.55 -2.31
N MET B 364 18.64 3.68 -2.81
CA MET B 364 17.48 3.64 -3.72
C MET B 364 17.86 3.75 -5.16
N ASN B 365 17.19 2.92 -5.95
CA ASN B 365 17.36 2.88 -7.42
C ASN B 365 16.84 4.20 -7.96
N LYS B 366 17.59 4.81 -8.86
CA LYS B 366 17.14 6.08 -9.47
C LYS B 366 16.08 5.87 -10.52
N GLY B 367 15.83 4.62 -10.89
CA GLY B 367 14.81 4.31 -11.86
C GLY B 367 15.36 3.70 -13.14
N ASP B 368 16.68 3.66 -13.24
CA ASP B 368 17.34 3.20 -14.46
C ASP B 368 18.43 2.21 -14.15
N GLY B 369 18.47 1.71 -12.91
CA GLY B 369 19.46 0.74 -12.51
C GLY B 369 20.75 1.35 -12.04
N THR B 370 20.78 2.67 -11.86
CA THR B 370 21.84 3.32 -11.10
C THR B 370 21.22 3.67 -9.76
N PHE B 371 22.05 4.10 -8.80
CA PHE B 371 21.61 4.22 -7.42
C PHE B 371 22.04 5.50 -6.76
N GLY B 372 21.28 5.89 -5.74
CA GLY B 372 21.54 7.10 -5.01
C GLY B 372 22.47 6.85 -3.86
N PRO B 373 22.59 7.83 -2.98
CA PRO B 373 23.49 7.63 -1.87
C PRO B 373 22.86 6.79 -0.76
N ILE B 374 23.71 6.23 0.08
CA ILE B 374 23.25 5.36 1.16
C ILE B 374 22.45 6.13 2.21
N MET B 375 21.39 5.51 2.71
CA MET B 375 20.53 6.11 3.74
C MET B 375 20.55 5.23 4.98
N GLN B 376 20.65 5.82 6.17
CA GLN B 376 20.62 5.08 7.42
C GLN B 376 19.20 5.11 7.84
N LEU B 377 18.49 3.97 7.76
CA LEU B 377 17.06 3.98 8.00
C LEU B 377 16.73 3.99 9.46
N ILE B 378 17.36 3.15 10.22
CA ILE B 378 17.05 3.05 11.68
C ILE B 378 18.16 2.25 12.37
N ASP B 379 18.40 2.50 13.65
CA ASP B 379 19.43 1.77 14.40
C ASP B 379 18.77 0.65 15.21
N ASP B 380 18.26 -0.36 14.52
CA ASP B 380 17.58 -1.50 15.21
C ASP B 380 17.49 -2.65 14.26
N MET B 381 17.12 -3.81 14.81
CA MET B 381 17.05 -5.10 14.07
C MET B 381 18.40 -5.55 13.53
N THR B 382 19.43 -5.32 14.33
CA THR B 382 20.85 -5.47 13.95
C THR B 382 21.63 -6.35 14.94
N VAL B 383 22.81 -6.74 14.47
CA VAL B 383 23.77 -7.46 15.33
C VAL B 383 23.96 -6.80 16.65
N SER B 384 24.27 -5.50 16.62
CA SER B 384 24.40 -4.67 17.83
C SER B 384 23.23 -4.78 18.85
N LYS B 385 21.99 -4.94 18.37
CA LYS B 385 20.82 -5.13 19.24
C LYS B 385 20.51 -6.61 19.52
N GLY B 386 21.43 -7.53 19.25
CA GLY B 386 21.28 -8.94 19.58
C GLY B 386 20.65 -9.82 18.53
N TRP B 387 20.48 -9.32 17.32
CA TRP B 387 19.88 -10.17 16.27
C TRP B 387 20.97 -10.96 15.60
N THR B 388 20.94 -12.29 15.70
CA THR B 388 21.96 -13.16 15.08
C THR B 388 21.27 -14.13 14.10
N LEU B 389 21.99 -14.70 13.14
CA LEU B 389 21.36 -15.66 12.22
C LEU B 389 20.92 -16.93 12.89
N GLN B 390 21.62 -17.29 13.97
N GLN B 390 21.61 -17.33 13.96
CA GLN B 390 21.38 -18.54 14.64
CA GLN B 390 21.31 -18.61 14.62
C GLN B 390 20.02 -18.49 15.33
C GLN B 390 20.06 -18.53 15.45
N LYS B 391 19.66 -17.31 15.82
CA LYS B 391 18.45 -17.14 16.65
C LYS B 391 17.29 -16.34 16.06
N THR B 392 17.50 -15.67 14.92
CA THR B 392 16.49 -14.77 14.41
C THR B 392 16.40 -14.89 12.89
N VAL B 393 15.25 -14.48 12.35
CA VAL B 393 14.99 -14.48 10.93
C VAL B 393 14.48 -13.09 10.54
N ARG B 394 15.02 -12.56 9.44
CA ARG B 394 14.61 -11.25 8.96
C ARG B 394 14.33 -11.30 7.46
N TYR B 395 13.32 -10.54 7.04
CA TYR B 395 12.90 -10.49 5.67
C TYR B 395 12.52 -9.07 5.28
N ALA B 396 12.67 -8.81 3.96
CA ALA B 396 11.83 -7.82 3.27
C ALA B 396 10.52 -8.52 2.87
N ALA B 397 9.34 -7.90 3.13
CA ALA B 397 8.03 -8.52 2.78
C ALA B 397 6.96 -7.45 2.56
N ASN B 398 6.08 -7.64 1.58
CA ASN B 398 5.02 -6.67 1.38
C ASN B 398 3.87 -7.03 2.29
N LEU B 399 3.84 -6.46 3.50
CA LEU B 399 2.76 -6.78 4.42
C LEU B 399 1.42 -6.13 4.07
N TYR B 400 1.45 -5.13 3.19
CA TYR B 400 0.26 -4.31 2.92
C TYR B 400 -0.03 -4.07 1.41
#